data_9F3F
#
_entry.id   9F3F
#
_cell.length_a   1.00
_cell.length_b   1.00
_cell.length_c   1.00
_cell.angle_alpha   90.00
_cell.angle_beta   90.00
_cell.angle_gamma   90.00
#
_symmetry.space_group_name_H-M   'P 1'
#
loop_
_entity.id
_entity.type
_entity.pdbx_description
1 polymer 'Nuclear cap binding complex subunit CBP110'
2 polymer 'Nuclear cap-binding protein subunit 2'
3 polymer 'Nuclear cap binding complex subunit CBP30'
4 non-polymer "7N-METHYL-8-HYDROGUANOSINE-5'-MONOPHOSPHATE"
#
loop_
_entity_poly.entity_id
_entity_poly.type
_entity_poly.pdbx_seq_one_letter_code
_entity_poly.pdbx_strand_id
1 'polypeptide(L)'
;HHHHHHHHPPSGADPMYAMPGNSGDLQCDDGKKRHIPPLSLLLSGYGSSEGRELDTSYTPKQWLWFLYVTSWARPFFTYA
SSGGASEATEGSSDNRSGSAYWGRLSFDELLKLSGSPIPPAMVSLWMGLCMPTDDVVQELRIMTEGKAEGRQRIYPFLPR
VAESTFGRALRSLAVRQHISSWMPSHAGDVCAALDVLVRDTLEVIQNSADVRKTARVRCEERDASGEEALEGAFRSMLSA
STTAPKVVEATTYRPLFDVKASIPEGGTAQVLIRVANAARLFAALSVEAFGRVKSECAVLLLAHINQRDAPEHVDARAYG
VVTGVVEYAMAYRYCRDDGTGRCPLTCAALLLHRLVELQGIVEKDTAAGDRCMGMAVSASRFANMTVACIQELLFCVVAG
DTVRWHREHQPDGVSVCPTAARTLTLHETDCLLQVFIPALLQQVGFEWPWSESLRHAKMLDRARTQHIVMEDGVRLDSRS
VFEELLVSVARRTYGLRLRAILPQSFDVIAENIFVSIHDVPNEGKSSGGNPEKVADNSSSRFALPLYYRTAGEVLLEYFD
RCGPSGITAEETERVLRRATDVQPMVVQLQALGGDTNGGITDCVSYCGELSRTVYFSAREKERLLQRYRCEVLLASLVVY
TQLRTVSVVQQLTRQLAPLFEQLLLPLAHERTLSRCPVIASRKGDGVDDNGTPLVDLTPEFKMLVDEIHYEFYPLEWVPE
AVDAHIRQECGVREKEGAPYHEGGNGPPCFAQYSLFAAIAHQFGLVLEGNPRGFRGGDGSSSEVRTKAYRFFTLMLLNNL
GDAVSSSCELDGAAALAATRRVKDCQDGSENCKQRQAAVRQRGGASFHSVVSACDVVVTMTQCLLPAHLSSHPRMATTGS
MSNEWMRRVGEWTRSAYSKYTAYQQQVHGLDLPVPLISLYNSLTFDSVPLARETIRAVRSRLLEKMSVVTASPPGDVETA
GKQLLEQHLSSLTVTLTAVGLLPLCVRGGSHVPCATQLLWASPFFSHELLHCGRYEVSV
;
1
2 'polypeptide(L)'
;MAEYLIDLTPRMAYVDRHELLRSLLTEKEFIERRQEQLNKSTTVYVGNLSFYTTEDQIWEHFSRCGHIRDLVMGLSEVTR
TPCGFCFVVFESQDGAMSAVIDLHGTLLDDRVITVSWDVGCDHTRRWGRGAHGGQVVDGVRQNLDSARGGLGVLRREELG
VGAAVAEDQLVHYTWIPPRRVEKRGRS
;
2
3 'polypeptide(L)'
;MRRGSGFVHLNTPAAISYSPGQQVSLSDLRQKRRREECVVLPPIMTVWRSAFSQYTKMWGLTKFAGDIEAEREGEGPILP
PIREETVVKSTTHSFKGKSTTVAAAVATPPGEKGIEIVSHHKLCGKQRFVYPDHDGVLSSGIVPKVVISKEEEEEMEANK
KYYISPQEMTEEERNAFEELDAMWKSYARGRSEQGARHRAFAGTVTPGDAMTEVEEETGNNRGNARRRLESHTPRQHPQE
SAAEGNSVAHNTEEALDDALRLIDELLEFN
;
3
#
# COMPACT_ATOMS: atom_id res chain seq x y z
N TYR A 46 26.17 -20.40 -11.08
CA TYR A 46 25.60 -19.39 -10.14
C TYR A 46 24.26 -18.91 -10.68
N GLY A 47 24.25 -17.73 -11.31
CA GLY A 47 23.01 -17.20 -11.89
C GLY A 47 22.61 -17.97 -13.13
N SER A 48 21.31 -18.09 -13.38
CA SER A 48 20.83 -18.79 -14.61
C SER A 48 21.28 -20.24 -14.56
N SER A 49 21.39 -20.79 -13.37
CA SER A 49 21.87 -22.19 -13.19
C SER A 49 20.88 -22.96 -12.32
N GLU A 50 20.78 -24.27 -12.51
CA GLU A 50 19.86 -25.11 -11.68
C GLU A 50 20.55 -25.48 -10.36
N GLY A 51 21.87 -25.27 -10.27
CA GLY A 51 22.55 -25.55 -9.01
C GLY A 51 23.43 -24.40 -8.60
N ARG A 52 23.44 -24.13 -7.30
CA ARG A 52 24.24 -22.98 -6.79
C ARG A 52 25.71 -23.36 -6.68
N GLU A 53 26.59 -22.51 -7.18
CA GLU A 53 28.03 -22.72 -7.02
C GLU A 53 28.57 -21.80 -5.93
N LEU A 54 29.48 -22.34 -5.13
CA LEU A 54 30.08 -21.58 -4.04
C LEU A 54 30.98 -20.47 -4.60
N ASP A 55 31.37 -19.56 -3.72
CA ASP A 55 32.19 -18.43 -4.12
C ASP A 55 33.59 -18.90 -4.53
N THR A 56 34.18 -18.17 -5.48
CA THR A 56 35.53 -18.48 -5.95
C THR A 56 36.41 -17.24 -5.86
N SER A 57 37.61 -17.30 -6.44
CA SER A 57 38.46 -16.12 -6.49
C SER A 57 37.77 -15.03 -7.30
N TYR A 58 37.77 -13.81 -6.75
CA TYR A 58 37.03 -12.70 -7.32
C TYR A 58 37.97 -11.73 -8.02
N THR A 59 37.56 -11.27 -9.19
CA THR A 59 38.28 -10.20 -9.86
C THR A 59 38.06 -8.90 -9.09
N PRO A 60 38.97 -7.92 -9.25
CA PRO A 60 38.78 -6.64 -8.56
C PRO A 60 37.47 -5.94 -8.87
N LYS A 61 36.83 -6.29 -9.97
CA LYS A 61 35.48 -5.72 -10.21
C LYS A 61 34.53 -6.36 -9.22
N GLN A 62 34.49 -7.68 -9.17
CA GLN A 62 33.52 -8.38 -8.31
C GLN A 62 33.84 -8.06 -6.84
N TRP A 63 35.05 -7.59 -6.55
CA TRP A 63 35.42 -7.18 -5.18
C TRP A 63 34.81 -5.82 -4.85
N LEU A 64 34.98 -4.83 -5.71
CA LEU A 64 34.44 -3.49 -5.43
C LEU A 64 32.96 -3.64 -5.07
N TRP A 65 32.25 -4.45 -5.82
CA TRP A 65 30.81 -4.65 -5.54
C TRP A 65 30.62 -5.33 -4.19
N PHE A 66 31.34 -6.42 -3.89
CA PHE A 66 31.14 -7.16 -2.63
C PHE A 66 31.39 -6.17 -1.50
N LEU A 67 32.41 -5.35 -1.66
CA LEU A 67 32.75 -4.35 -0.63
C LEU A 67 31.67 -3.28 -0.60
N TYR A 68 31.16 -2.84 -1.75
CA TYR A 68 30.17 -1.74 -1.74
C TYR A 68 28.96 -2.18 -0.95
N VAL A 69 28.59 -3.46 -1.04
CA VAL A 69 27.34 -3.90 -0.38
C VAL A 69 27.65 -4.61 0.94
N THR A 70 28.87 -4.46 1.48
CA THR A 70 29.13 -5.06 2.82
C THR A 70 30.06 -4.21 3.69
N SER A 71 30.95 -3.42 3.12
CA SER A 71 32.00 -2.70 3.90
C SER A 71 31.43 -1.70 4.91
N TRP A 72 30.33 -1.05 4.59
CA TRP A 72 29.69 -0.07 5.50
C TRP A 72 29.35 -0.74 6.83
N ALA A 73 28.96 -2.02 6.83
CA ALA A 73 28.47 -2.70 8.04
C ALA A 73 29.60 -2.92 9.03
N ARG A 74 30.83 -2.88 8.53
CA ARG A 74 32.02 -3.14 9.40
C ARG A 74 32.13 -2.11 10.55
N PRO A 75 32.30 -0.79 10.29
CA PRO A 75 32.49 0.20 11.37
C PRO A 75 31.41 0.14 12.44
N PHE A 76 30.27 -0.49 12.18
CA PHE A 76 29.19 -0.52 13.15
C PHE A 76 29.32 -1.65 14.16
N PHE A 77 30.38 -2.44 14.09
CA PHE A 77 30.60 -3.53 15.04
C PHE A 77 31.87 -3.26 15.85
N THR A 78 31.87 -3.71 17.10
CA THR A 78 33.00 -3.52 17.97
C THR A 78 34.19 -4.36 17.52
N TRP A 102 38.46 -5.52 12.56
CA TRP A 102 39.76 -5.26 11.88
C TRP A 102 39.65 -5.60 10.39
N GLY A 103 40.28 -4.80 9.53
CA GLY A 103 40.29 -5.13 8.10
C GLY A 103 40.97 -6.47 7.93
N ARG A 104 40.66 -7.19 6.85
CA ARG A 104 41.34 -8.47 6.55
C ARG A 104 40.67 -9.57 7.35
N LEU A 105 39.63 -9.23 8.09
CA LEU A 105 38.88 -10.29 8.78
C LEU A 105 37.52 -10.41 8.09
N SER A 106 37.11 -11.62 7.80
CA SER A 106 35.80 -11.87 7.18
C SER A 106 34.72 -11.52 8.19
N PHE A 107 33.48 -11.34 7.73
CA PHE A 107 32.41 -10.85 8.62
C PHE A 107 32.08 -11.89 9.70
N ASP A 108 32.18 -13.18 9.41
CA ASP A 108 31.95 -14.14 10.50
C ASP A 108 33.05 -13.98 11.54
N GLU A 109 34.28 -13.76 11.09
CA GLU A 109 35.43 -13.66 12.01
C GLU A 109 35.40 -12.32 12.73
N LEU A 110 34.88 -11.29 12.08
CA LEU A 110 34.72 -10.02 12.77
C LEU A 110 33.59 -10.06 13.78
N LEU A 111 32.58 -10.90 13.54
CA LEU A 111 31.53 -11.10 14.52
C LEU A 111 31.97 -11.94 15.71
N LYS A 112 32.98 -12.79 15.53
CA LYS A 112 33.52 -13.53 16.67
C LYS A 112 34.13 -12.58 17.69
N LEU A 113 34.77 -11.51 17.21
CA LEU A 113 35.26 -10.46 18.11
C LEU A 113 34.12 -9.65 18.73
N SER A 114 32.89 -9.82 18.25
CA SER A 114 31.72 -9.17 18.82
C SER A 114 30.81 -10.16 19.56
N GLY A 115 31.39 -11.24 20.06
CA GLY A 115 30.64 -12.22 20.83
C GLY A 115 29.86 -13.22 20.02
N SER A 116 30.09 -13.30 18.70
CA SER A 116 29.36 -14.17 17.81
C SER A 116 27.85 -13.96 17.98
N PRO A 117 27.33 -12.80 17.58
CA PRO A 117 25.89 -12.55 17.77
C PRO A 117 24.98 -13.54 17.06
N ILE A 118 25.44 -14.08 15.94
CA ILE A 118 24.58 -14.98 15.13
C ILE A 118 25.15 -16.40 15.16
N PRO A 119 24.32 -17.45 15.36
CA PRO A 119 24.82 -18.81 15.37
C PRO A 119 25.33 -19.23 14.01
N PRO A 120 26.12 -20.30 13.93
CA PRO A 120 26.66 -20.72 12.63
C PRO A 120 25.60 -21.07 11.61
N ALA A 121 24.41 -21.50 12.04
CA ALA A 121 23.37 -21.85 11.08
C ALA A 121 22.92 -20.64 10.28
N MET A 122 22.93 -19.46 10.88
CA MET A 122 22.39 -18.25 10.22
C MET A 122 23.45 -17.52 9.40
N VAL A 123 24.72 -17.81 9.63
CA VAL A 123 25.81 -17.08 8.91
C VAL A 123 25.69 -17.46 7.44
N SER A 124 25.98 -16.51 6.54
CA SER A 124 25.81 -16.72 5.10
C SER A 124 27.17 -16.86 4.43
N LEU A 125 27.19 -17.31 3.18
CA LEU A 125 28.47 -17.58 2.51
C LEU A 125 29.27 -16.28 2.44
N TRP A 126 28.60 -15.17 2.22
CA TRP A 126 29.32 -13.89 1.99
C TRP A 126 30.11 -13.52 3.24
N MET A 127 29.61 -13.91 4.41
CA MET A 127 30.28 -13.56 5.67
C MET A 127 31.55 -14.39 5.77
N GLY A 128 31.57 -15.58 5.17
CA GLY A 128 32.79 -16.41 5.10
C GLY A 128 33.92 -15.77 4.30
N LEU A 129 33.60 -15.08 3.22
CA LEU A 129 34.67 -14.54 2.32
C LEU A 129 35.64 -13.66 3.10
N CYS A 130 36.93 -13.86 2.83
CA CYS A 130 37.97 -13.09 3.54
C CYS A 130 38.51 -12.05 2.60
N MET A 131 39.34 -11.15 3.10
CA MET A 131 39.79 -10.05 2.22
C MET A 131 40.92 -10.52 1.31
N PRO A 132 40.96 -10.09 0.04
CA PRO A 132 42.04 -10.45 -0.88
C PRO A 132 43.33 -9.62 -0.70
N THR A 133 44.47 -10.08 -1.24
CA THR A 133 45.68 -9.22 -1.20
C THR A 133 45.87 -8.46 -2.53
N ASP A 134 44.88 -7.65 -2.94
CA ASP A 134 44.97 -6.91 -4.18
C ASP A 134 45.24 -5.43 -3.91
N ASP A 135 46.24 -4.89 -4.60
CA ASP A 135 46.53 -3.46 -4.60
C ASP A 135 45.89 -2.73 -5.77
N VAL A 136 45.21 -3.46 -6.66
CA VAL A 136 44.46 -2.81 -7.73
C VAL A 136 43.23 -2.11 -7.16
N VAL A 137 42.56 -2.74 -6.19
CA VAL A 137 41.42 -2.08 -5.54
C VAL A 137 41.87 -0.82 -4.83
N GLN A 138 43.15 -0.76 -4.44
CA GLN A 138 43.69 0.46 -3.86
C GLN A 138 43.68 1.60 -4.85
N GLU A 139 44.08 1.34 -6.10
CA GLU A 139 44.25 2.42 -7.07
C GLU A 139 43.00 2.70 -7.90
N LEU A 140 42.03 1.79 -7.95
CA LEU A 140 40.86 2.07 -8.78
C LEU A 140 39.83 2.94 -8.08
N ARG A 141 40.05 3.33 -6.82
CA ARG A 141 39.17 4.26 -6.14
C ARG A 141 39.49 5.72 -6.44
N ILE A 142 40.53 5.98 -7.24
CA ILE A 142 40.96 7.34 -7.56
C ILE A 142 41.21 8.14 -6.27
N ILE A 154 32.86 6.69 -8.88
CA ILE A 154 31.45 6.47 -9.21
C ILE A 154 31.15 4.98 -9.25
N TYR A 155 30.27 4.56 -8.36
CA TYR A 155 29.84 3.19 -8.13
C TYR A 155 28.49 2.93 -8.80
N PRO A 156 28.20 1.65 -9.11
CA PRO A 156 26.96 1.31 -9.76
C PRO A 156 25.80 1.56 -8.81
N PHE A 157 24.60 1.22 -9.27
CA PHE A 157 23.41 1.49 -8.45
C PHE A 157 22.79 0.17 -8.04
N LEU A 158 22.38 0.07 -6.78
CA LEU A 158 21.76 -1.17 -6.27
C LEU A 158 20.41 -1.35 -6.95
N PRO A 159 20.05 -2.58 -7.34
CA PRO A 159 18.77 -2.84 -7.98
C PRO A 159 17.58 -2.70 -7.02
N ARG A 160 16.52 -2.04 -7.48
CA ARG A 160 15.15 -2.09 -6.90
C ARG A 160 15.07 -1.18 -5.67
N VAL A 161 16.04 -0.29 -5.44
CA VAL A 161 15.87 0.66 -4.30
C VAL A 161 16.25 2.07 -4.74
N ALA A 162 15.64 3.06 -4.10
CA ALA A 162 15.99 4.46 -4.36
C ALA A 162 17.00 4.84 -3.29
N GLU A 163 18.28 4.66 -3.60
CA GLU A 163 19.33 4.93 -2.64
C GLU A 163 19.42 6.42 -2.34
N SER A 164 19.66 6.75 -1.07
CA SER A 164 19.85 8.12 -0.67
C SER A 164 21.24 8.61 -1.06
N THR A 165 21.37 9.93 -1.14
CA THR A 165 22.68 10.50 -1.46
C THR A 165 23.67 10.27 -0.34
N PHE A 166 23.20 10.14 0.90
CA PHE A 166 24.10 9.83 2.02
C PHE A 166 24.48 8.36 2.03
N GLY A 167 23.52 7.48 1.75
CA GLY A 167 23.83 6.06 1.75
C GLY A 167 24.82 5.68 0.67
N ARG A 168 24.65 6.23 -0.53
CA ARG A 168 25.60 5.96 -1.60
C ARG A 168 26.97 6.54 -1.27
N ALA A 169 27.01 7.75 -0.71
CA ALA A 169 28.29 8.32 -0.30
C ALA A 169 28.91 7.50 0.81
N LEU A 170 28.12 7.07 1.79
CA LEU A 170 28.68 6.31 2.91
C LEU A 170 29.28 4.99 2.43
N ARG A 171 28.58 4.28 1.55
CA ARG A 171 29.09 3.01 1.06
C ARG A 171 30.35 3.21 0.24
N SER A 172 30.43 4.31 -0.50
CA SER A 172 31.63 4.58 -1.29
C SER A 172 32.84 4.85 -0.41
N LEU A 173 32.67 5.72 0.59
CA LEU A 173 33.77 6.03 1.55
C LEU A 173 34.02 4.84 2.46
N ALA A 174 33.10 3.90 2.58
CA ALA A 174 33.37 2.68 3.33
C ALA A 174 34.38 1.81 2.61
N VAL A 175 34.22 1.64 1.30
CA VAL A 175 35.18 0.86 0.52
C VAL A 175 36.54 1.53 0.50
N ARG A 176 36.55 2.85 0.28
CA ARG A 176 37.83 3.61 0.25
C ARG A 176 38.56 3.43 1.59
N GLN A 177 37.82 3.47 2.69
CA GLN A 177 38.46 3.43 4.02
C GLN A 177 38.63 1.99 4.50
N HIS A 178 38.08 1.01 3.82
CA HIS A 178 38.38 -0.40 4.17
C HIS A 178 39.63 -0.81 3.41
N ILE A 179 39.86 -0.24 2.23
CA ILE A 179 41.11 -0.53 1.55
C ILE A 179 42.28 0.09 2.31
N SER A 180 42.14 1.34 2.72
CA SER A 180 43.17 2.00 3.52
C SER A 180 43.28 1.42 4.92
N SER A 181 42.34 0.59 5.34
CA SER A 181 42.44 -0.12 6.61
C SER A 181 43.31 -1.37 6.50
N TRP A 182 43.48 -1.82 5.27
CA TRP A 182 44.22 -3.06 5.00
C TRP A 182 45.72 -2.73 5.03
N ALA A 192 36.61 4.33 16.58
CA ALA A 192 36.54 5.66 16.02
C ALA A 192 36.34 5.60 14.52
N ALA A 193 36.28 4.38 13.99
CA ALA A 193 36.08 4.21 12.55
C ALA A 193 34.72 4.71 12.11
N LEU A 194 33.68 4.43 12.89
CA LEU A 194 32.34 4.85 12.51
C LEU A 194 32.19 6.37 12.52
N ASP A 195 32.75 7.03 13.54
CA ASP A 195 32.59 8.47 13.64
C ASP A 195 33.24 9.18 12.47
N VAL A 196 34.34 8.64 11.95
CA VAL A 196 35.04 9.30 10.81
C VAL A 196 34.30 8.98 9.51
N LEU A 197 33.74 7.78 9.33
CA LEU A 197 32.97 7.54 8.09
C LEU A 197 31.77 8.48 8.03
N VAL A 198 31.03 8.63 9.13
CA VAL A 198 29.86 9.56 9.17
C VAL A 198 30.34 11.00 9.00
N ARG A 199 31.41 11.41 9.67
CA ARG A 199 31.83 12.82 9.50
C ARG A 199 32.24 13.05 8.06
N ASP A 200 32.94 12.10 7.46
CA ASP A 200 33.48 12.27 6.10
C ASP A 200 32.35 12.13 5.07
N THR A 201 31.33 11.32 5.36
CA THR A 201 30.18 11.19 4.43
C THR A 201 29.42 12.51 4.43
N LEU A 202 29.25 13.12 5.60
CA LEU A 202 28.49 14.39 5.70
C LEU A 202 29.22 15.50 4.94
N GLU A 203 30.54 15.55 5.03
CA GLU A 203 31.29 16.65 4.37
C GLU A 203 31.07 16.56 2.86
N VAL A 204 31.07 15.36 2.31
CA VAL A 204 30.85 15.16 0.85
C VAL A 204 29.52 15.80 0.45
N ILE A 205 28.45 15.59 1.24
CA ILE A 205 27.14 16.10 0.87
C ILE A 205 27.09 17.62 1.01
N GLN A 206 27.66 18.15 2.07
CA GLN A 206 27.54 19.57 2.41
C GLN A 206 28.79 20.36 2.03
N ASN A 207 29.39 20.03 0.89
CA ASN A 207 30.52 20.78 0.37
C ASN A 207 30.46 20.78 -1.15
N SER A 208 30.84 21.91 -1.75
CA SER A 208 30.88 22.08 -3.20
C SER A 208 29.51 21.83 -3.83
N GLU A 227 24.74 11.54 19.29
CA GLU A 227 25.78 12.35 18.61
C GLU A 227 25.14 13.09 17.42
N GLU A 228 25.35 14.41 17.35
CA GLU A 228 24.74 15.18 16.27
C GLU A 228 25.10 14.62 14.90
N ALA A 229 26.35 14.18 14.73
CA ALA A 229 26.76 13.62 13.45
C ALA A 229 25.96 12.35 13.13
N LEU A 230 25.79 11.47 14.11
CA LEU A 230 25.13 10.18 13.83
C LEU A 230 23.62 10.41 13.76
N GLU A 231 23.17 11.60 14.13
CA GLU A 231 21.74 11.95 14.03
C GLU A 231 21.54 12.66 12.70
N GLY A 232 22.38 13.65 12.40
CA GLY A 232 22.24 14.25 11.08
C GLY A 232 22.46 13.27 9.95
N ALA A 233 23.15 12.17 10.23
CA ALA A 233 23.30 11.11 9.24
C ALA A 233 21.98 10.44 8.94
N PHE A 234 21.24 10.08 10.00
CA PHE A 234 19.93 9.47 9.81
C PHE A 234 18.96 10.43 9.17
N ARG A 235 19.00 11.71 9.57
CA ARG A 235 18.12 12.71 8.97
C ARG A 235 18.42 12.90 7.50
N SER A 236 19.70 12.94 7.12
CA SER A 236 20.06 13.07 5.71
C SER A 236 19.65 11.85 4.91
N MET A 237 19.69 10.67 5.53
CA MET A 237 19.27 9.46 4.83
C MET A 237 17.80 9.52 4.44
N LEU A 238 16.95 9.97 5.36
CA LEU A 238 15.51 10.01 5.11
C LEU A 238 15.05 11.38 4.63
N SER A 239 15.71 11.92 3.60
CA SER A 239 15.35 13.21 3.05
C SER A 239 15.44 13.15 1.53
N ALA A 240 14.62 13.95 0.88
CA ALA A 240 14.58 14.00 -0.57
C ALA A 240 15.76 14.81 -1.12
N PRO A 255 14.29 18.82 5.66
CA PRO A 255 14.99 17.68 6.21
C PRO A 255 14.08 16.88 7.14
N LEU A 256 14.28 15.57 7.20
CA LEU A 256 13.37 14.72 8.00
C LEU A 256 13.47 15.16 9.44
N PHE A 257 12.34 15.13 10.13
CA PHE A 257 12.35 15.40 11.57
C PHE A 257 12.13 14.03 12.17
N ASP A 258 12.99 13.58 13.07
CA ASP A 258 12.88 12.22 13.62
C ASP A 258 11.57 12.03 14.39
N VAL A 259 10.80 10.99 14.08
CA VAL A 259 9.53 10.69 14.77
C VAL A 259 9.81 10.25 16.20
N LYS A 260 10.83 9.43 16.39
CA LYS A 260 11.09 8.85 17.73
C LYS A 260 12.37 9.49 18.30
N ALA A 261 12.32 9.95 19.55
CA ALA A 261 13.47 10.68 20.15
C ALA A 261 14.42 9.73 20.88
N SER A 262 15.72 9.83 20.60
CA SER A 262 16.74 9.00 21.29
C SER A 262 17.12 9.60 22.65
N ILE A 263 17.16 10.93 22.77
CA ILE A 263 17.66 11.55 24.03
C ILE A 263 16.83 11.04 25.22
N PRO A 264 15.52 10.77 25.12
CA PRO A 264 14.81 10.15 26.26
C PRO A 264 15.20 8.68 26.52
N GLU A 265 16.31 8.45 27.29
CA GLU A 265 16.76 7.08 27.69
C GLU A 265 17.00 6.91 29.20
N GLY A 266 17.24 7.99 29.96
CA GLY A 266 17.55 7.84 31.40
C GLY A 266 18.47 8.91 31.95
N GLY A 267 19.24 8.58 32.99
CA GLY A 267 20.26 9.51 33.52
C GLY A 267 21.66 8.94 33.31
N THR A 268 22.66 9.78 32.96
CA THR A 268 24.04 9.31 32.63
C THR A 268 24.05 8.35 31.44
N ALA A 269 23.40 8.69 30.31
CA ALA A 269 23.28 7.74 29.19
C ALA A 269 23.76 8.30 27.84
N GLN A 270 24.82 9.08 27.79
CA GLN A 270 25.38 9.53 26.49
C GLN A 270 25.83 8.31 25.68
N VAL A 271 26.39 7.29 26.33
CA VAL A 271 26.80 6.05 25.62
C VAL A 271 25.59 5.34 25.00
N LEU A 272 24.51 5.18 25.75
CA LEU A 272 23.29 4.50 25.23
C LEU A 272 22.68 5.33 24.10
N ILE A 273 22.70 6.66 24.19
CA ILE A 273 22.20 7.51 23.09
C ILE A 273 22.99 7.18 21.81
N ARG A 274 24.31 7.10 21.89
CA ARG A 274 25.17 6.79 20.71
C ARG A 274 24.89 5.37 20.20
N VAL A 275 24.67 4.43 21.09
CA VAL A 275 24.45 3.03 20.67
C VAL A 275 23.17 2.95 19.85
N ALA A 276 22.08 3.57 20.30
CA ALA A 276 20.82 3.61 19.53
C ALA A 276 20.94 4.52 18.31
N ASN A 277 21.62 5.65 18.44
CA ASN A 277 21.78 6.60 17.33
C ASN A 277 22.57 5.92 16.21
N ALA A 278 23.32 4.87 16.53
CA ALA A 278 24.08 4.10 15.51
C ALA A 278 23.24 2.93 15.02
N ALA A 279 22.36 2.41 15.86
CA ALA A 279 21.45 1.33 15.41
C ALA A 279 20.42 1.89 14.44
N ARG A 280 20.10 3.18 14.55
CA ARG A 280 19.17 3.83 13.61
C ARG A 280 19.87 4.02 12.26
N LEU A 281 21.11 4.50 12.24
CA LEU A 281 21.82 4.61 10.95
C LEU A 281 22.11 3.20 10.44
N PHE A 282 22.39 2.26 11.32
CA PHE A 282 22.68 0.93 10.81
C PHE A 282 21.43 0.30 10.20
N ALA A 283 20.29 0.44 10.86
CA ALA A 283 19.05 -0.12 10.33
C ALA A 283 18.66 0.57 9.03
N ALA A 284 18.82 1.89 8.96
CA ALA A 284 18.54 2.60 7.73
C ALA A 284 19.39 2.09 6.59
N LEU A 285 20.71 2.02 6.79
CA LEU A 285 21.59 1.53 5.75
C LEU A 285 21.35 0.07 5.43
N SER A 286 20.96 -0.72 6.42
CA SER A 286 20.77 -2.15 6.21
C SER A 286 19.51 -2.43 5.44
N VAL A 287 18.46 -1.61 5.61
CA VAL A 287 17.30 -1.79 4.75
C VAL A 287 17.57 -1.20 3.38
N GLU A 288 18.42 -0.16 3.30
CA GLU A 288 18.75 0.39 1.99
C GLU A 288 19.57 -0.59 1.16
N ALA A 289 20.45 -1.35 1.79
CA ALA A 289 21.34 -2.30 1.08
C ALA A 289 20.87 -3.75 1.17
N PHE A 290 20.40 -4.21 2.31
CA PHE A 290 20.07 -5.66 2.42
C PHE A 290 18.57 -5.88 2.35
N GLY A 291 17.77 -4.87 2.07
CA GLY A 291 16.30 -4.95 2.20
C GLY A 291 15.57 -5.93 1.32
N ARG A 292 15.99 -6.07 0.09
CA ARG A 292 15.30 -6.94 -0.88
C ARG A 292 15.37 -8.36 -0.34
N VAL A 293 16.48 -8.74 0.29
CA VAL A 293 16.55 -10.07 0.95
C VAL A 293 16.25 -9.89 2.44
N LYS A 294 15.03 -10.20 2.88
CA LYS A 294 14.59 -9.96 4.28
C LYS A 294 15.36 -10.81 5.27
N SER A 295 15.59 -12.07 4.94
CA SER A 295 16.32 -12.99 5.84
C SER A 295 17.73 -12.44 6.10
N GLU A 296 18.42 -11.94 5.09
CA GLU A 296 19.81 -11.47 5.28
C GLU A 296 19.78 -10.15 6.06
N CYS A 297 18.85 -9.24 5.76
CA CYS A 297 18.75 -8.00 6.53
C CYS A 297 18.42 -8.29 7.98
N ALA A 298 17.54 -9.25 8.22
CA ALA A 298 17.19 -9.62 9.59
C ALA A 298 18.41 -10.19 10.32
N VAL A 299 19.24 -10.99 9.65
CA VAL A 299 20.45 -11.60 10.29
C VAL A 299 21.50 -10.52 10.53
N LEU A 300 21.55 -9.49 9.72
CA LEU A 300 22.54 -8.40 9.93
C LEU A 300 22.03 -7.49 11.06
N LEU A 301 20.71 -7.30 11.19
CA LEU A 301 20.19 -6.50 12.29
C LEU A 301 20.31 -7.25 13.63
N LEU A 302 20.07 -8.55 13.63
CA LEU A 302 20.30 -9.34 14.83
C LEU A 302 21.76 -9.31 15.25
N ALA A 303 22.66 -9.41 14.28
CA ALA A 303 24.08 -9.35 14.60
C ALA A 303 24.45 -8.02 15.25
N HIS A 304 23.90 -6.93 14.74
CA HIS A 304 24.15 -5.64 15.37
C HIS A 304 23.55 -5.58 16.77
N ILE A 305 22.32 -6.07 16.93
CA ILE A 305 21.63 -5.97 18.21
C ILE A 305 22.29 -6.85 19.26
N ASN A 306 22.63 -8.09 18.90
CA ASN A 306 23.07 -9.09 19.85
C ASN A 306 24.57 -9.02 20.12
N GLN A 307 25.21 -7.88 19.89
CA GLN A 307 26.58 -7.70 20.33
C GLN A 307 26.64 -7.80 21.85
N ARG A 308 27.74 -8.36 22.35
CA ARG A 308 27.92 -8.63 23.77
C ARG A 308 28.69 -7.53 24.48
N ASP A 309 28.52 -6.28 24.05
CA ASP A 309 29.17 -5.16 24.72
C ASP A 309 28.65 -5.00 26.15
N ALA A 310 27.33 -5.00 26.32
CA ALA A 310 26.70 -4.86 27.63
C ALA A 310 25.25 -5.27 27.52
N PRO A 311 24.67 -5.87 28.56
CA PRO A 311 23.24 -6.21 28.50
C PRO A 311 22.34 -5.00 28.32
N GLU A 312 22.69 -3.86 28.90
CA GLU A 312 21.87 -2.66 28.75
C GLU A 312 22.01 -2.05 27.36
N HIS A 313 23.07 -2.42 26.64
CA HIS A 313 23.28 -1.89 25.27
C HIS A 313 22.35 -2.63 24.29
N VAL A 314 21.89 -3.83 24.62
CA VAL A 314 21.05 -4.59 23.71
C VAL A 314 19.70 -3.92 23.54
N ASP A 315 19.13 -3.41 24.64
CA ASP A 315 17.85 -2.71 24.55
C ASP A 315 17.97 -1.44 23.73
N ALA A 316 19.04 -0.68 23.92
CA ALA A 316 19.23 0.54 23.12
C ALA A 316 19.39 0.21 21.65
N ARG A 317 20.15 -0.85 21.34
CA ARG A 317 20.32 -1.25 19.95
C ARG A 317 19.01 -1.70 19.34
N ALA A 318 18.20 -2.44 20.10
CA ALA A 318 16.90 -2.89 19.60
C ALA A 318 15.98 -1.71 19.34
N TYR A 319 15.94 -0.76 20.27
CA TYR A 319 15.12 0.43 20.08
C TYR A 319 15.56 1.20 18.86
N GLY A 320 16.86 1.41 18.71
CA GLY A 320 17.36 2.09 17.53
C GLY A 320 17.01 1.39 16.25
N VAL A 321 17.15 0.06 16.22
CA VAL A 321 16.88 -0.69 15.01
C VAL A 321 15.40 -0.60 14.64
N VAL A 322 14.51 -0.78 15.61
CA VAL A 322 13.05 -0.78 15.35
C VAL A 322 12.62 0.63 14.90
N THR A 323 13.05 1.67 15.60
CA THR A 323 12.67 3.02 15.21
C THR A 323 13.24 3.38 13.85
N GLY A 324 14.48 2.99 13.58
CA GLY A 324 15.08 3.29 12.29
C GLY A 324 14.37 2.60 11.15
N VAL A 325 14.01 1.32 11.34
CA VAL A 325 13.30 0.60 10.27
C VAL A 325 11.96 1.25 10.00
N VAL A 326 11.22 1.59 11.06
CA VAL A 326 9.90 2.20 10.87
C VAL A 326 10.03 3.54 10.17
N GLU A 327 10.93 4.40 10.67
CA GLU A 327 11.08 5.73 10.10
C GLU A 327 11.58 5.68 8.67
N TYR A 328 12.49 4.75 8.38
CA TYR A 328 12.95 4.57 7.00
C TYR A 328 11.80 4.14 6.10
N ALA A 329 10.94 3.23 6.57
CA ALA A 329 9.81 2.81 5.75
C ALA A 329 8.89 3.98 5.43
N MET A 330 8.60 4.80 6.43
CA MET A 330 7.62 5.91 6.25
C MET A 330 8.22 7.02 5.40
N ALA A 331 9.51 7.30 5.55
CA ALA A 331 10.15 8.30 4.71
C ALA A 331 10.35 7.81 3.28
N TYR A 332 10.64 6.51 3.12
CA TYR A 332 10.76 5.93 1.79
C TYR A 332 9.44 5.98 1.04
N ARG A 333 8.34 5.62 1.69
CA ARG A 333 7.05 5.73 1.03
C ARG A 333 6.68 7.19 0.76
N TYR A 334 7.29 8.17 1.41
CA TYR A 334 6.86 9.56 1.13
C TYR A 334 7.67 10.19 0.01
N CYS A 335 9.00 10.16 0.08
CA CYS A 335 9.83 10.92 -0.89
C CYS A 335 10.71 10.05 -1.78
N ARG A 336 10.49 8.74 -1.83
CA ARG A 336 11.41 7.89 -2.59
C ARG A 336 10.66 7.21 -3.72
N ASP A 337 11.10 7.43 -4.94
CA ASP A 337 10.50 6.83 -6.13
C ASP A 337 11.51 5.87 -6.74
N ASP A 338 11.23 4.58 -6.63
CA ASP A 338 12.08 3.55 -7.21
C ASP A 338 11.39 2.71 -8.27
N GLY A 339 10.08 2.85 -8.44
CA GLY A 339 9.35 2.18 -9.49
C GLY A 339 9.40 0.67 -9.40
N THR A 340 9.17 0.10 -8.23
CA THR A 340 9.22 -1.34 -8.06
C THR A 340 7.89 -1.96 -7.67
N GLY A 341 6.92 -1.17 -7.20
CA GLY A 341 5.65 -1.74 -6.81
C GLY A 341 5.66 -2.55 -5.53
N ARG A 342 6.75 -2.51 -4.78
CA ARG A 342 6.88 -3.24 -3.53
C ARG A 342 6.70 -2.25 -2.38
N CYS A 343 5.77 -2.56 -1.48
CA CYS A 343 5.42 -1.61 -0.43
C CYS A 343 6.52 -1.58 0.63
N PRO A 344 7.13 -0.43 0.88
CA PRO A 344 8.16 -0.36 1.94
C PRO A 344 7.63 -0.68 3.33
N LEU A 345 6.37 -0.34 3.63
CA LEU A 345 5.87 -0.52 4.98
C LEU A 345 5.59 -1.99 5.28
N THR A 346 5.01 -2.71 4.33
CA THR A 346 4.81 -4.15 4.52
C THR A 346 6.15 -4.84 4.68
N CYS A 347 7.16 -4.41 3.91
CA CYS A 347 8.49 -4.98 4.04
C CYS A 347 9.08 -4.68 5.41
N ALA A 348 8.88 -3.47 5.92
CA ALA A 348 9.37 -3.14 7.26
C ALA A 348 8.70 -4.00 8.33
N ALA A 349 7.38 -4.20 8.20
CA ALA A 349 6.67 -5.01 9.17
C ALA A 349 7.14 -6.46 9.14
N LEU A 350 7.29 -7.02 7.95
CA LEU A 350 7.79 -8.37 7.83
C LEU A 350 9.23 -8.48 8.29
N LEU A 351 10.03 -7.43 8.11
CA LEU A 351 11.41 -7.46 8.58
C LEU A 351 11.48 -7.46 10.09
N LEU A 352 10.59 -6.71 10.74
CA LEU A 352 10.58 -6.64 12.22
C LEU A 352 10.04 -7.97 12.75
N HIS A 353 9.11 -8.61 12.07
CA HIS A 353 8.64 -9.93 12.48
C HIS A 353 9.71 -10.98 12.27
N ARG A 354 10.48 -10.87 11.18
CA ARG A 354 11.59 -11.79 10.94
C ARG A 354 12.68 -11.60 11.98
N LEU A 355 12.92 -10.36 12.39
CA LEU A 355 13.89 -10.11 13.46
C LEU A 355 13.48 -10.84 14.73
N VAL A 356 12.20 -10.75 15.09
CA VAL A 356 11.72 -11.43 16.29
C VAL A 356 11.83 -12.94 16.14
N GLU A 357 11.46 -13.47 14.98
CA GLU A 357 11.54 -14.92 14.77
C GLU A 357 12.98 -15.42 14.82
N LEU A 358 13.89 -14.67 14.19
CA LEU A 358 15.32 -15.05 14.18
C LEU A 358 15.88 -14.86 15.61
N GLN A 359 15.39 -13.93 16.41
CA GLN A 359 15.93 -13.86 17.80
C GLN A 359 15.37 -15.07 18.57
N GLY A 360 14.25 -15.62 18.13
CA GLY A 360 13.68 -16.80 18.78
C GLY A 360 14.55 -18.02 18.56
N ILE A 361 15.15 -18.13 17.38
CA ILE A 361 16.03 -19.29 17.03
C ILE A 361 17.37 -19.12 17.74
N VAL A 362 17.89 -17.90 17.82
CA VAL A 362 19.14 -17.61 18.57
C VAL A 362 18.89 -17.95 20.04
N GLU A 363 17.72 -17.60 20.57
CA GLU A 363 17.36 -17.91 21.97
C GLU A 363 17.24 -19.42 22.18
N LYS A 364 16.72 -20.16 21.21
CA LYS A 364 16.68 -21.63 21.37
C LYS A 364 18.04 -22.20 20.99
N ASP A 365 19.08 -21.84 21.75
CA ASP A 365 20.45 -22.36 21.53
C ASP A 365 20.94 -22.95 22.86
N VAL A 377 18.31 -9.93 23.76
CA VAL A 377 18.62 -11.28 24.32
C VAL A 377 17.42 -12.20 24.07
N SER A 378 16.22 -11.78 24.46
CA SER A 378 15.03 -12.65 24.30
C SER A 378 14.16 -12.14 23.15
N ALA A 379 13.54 -13.06 22.43
CA ALA A 379 12.66 -12.67 21.30
C ALA A 379 11.53 -11.82 21.85
N SER A 380 11.08 -12.14 23.07
CA SER A 380 9.99 -11.43 23.72
C SER A 380 10.35 -9.97 23.97
N ARG A 381 11.62 -9.70 24.30
CA ARG A 381 12.03 -8.32 24.56
C ARG A 381 11.99 -7.48 23.30
N PHE A 382 12.46 -8.02 22.19
CA PHE A 382 12.47 -7.26 20.92
C PHE A 382 11.04 -7.01 20.53
N ALA A 383 10.19 -8.01 20.68
CA ALA A 383 8.75 -7.88 20.39
C ALA A 383 8.12 -6.81 21.26
N ASN A 384 8.64 -6.61 22.48
CA ASN A 384 8.09 -5.62 23.43
C ASN A 384 8.41 -4.22 22.92
N MET A 385 9.65 -4.00 22.46
CA MET A 385 10.05 -2.67 21.92
C MET A 385 9.22 -2.39 20.66
N THR A 386 9.04 -3.40 19.80
CA THR A 386 8.26 -3.21 18.56
C THR A 386 6.87 -2.75 18.92
N VAL A 387 6.24 -3.40 19.91
CA VAL A 387 4.87 -2.99 20.35
C VAL A 387 4.93 -1.60 20.97
N ALA A 388 5.86 -1.38 21.91
CA ALA A 388 5.93 -0.09 22.61
C ALA A 388 6.11 1.04 21.61
N CYS A 389 6.90 0.81 20.57
CA CYS A 389 7.13 1.85 19.53
C CYS A 389 5.84 2.07 18.73
N ILE A 390 5.10 1.01 18.42
CA ILE A 390 3.80 1.19 17.72
C ILE A 390 2.83 1.92 18.67
N GLN A 391 2.74 1.50 19.93
CA GLN A 391 1.81 2.13 20.85
C GLN A 391 2.17 3.58 21.11
N GLU A 392 3.46 3.91 21.14
CA GLU A 392 3.85 5.30 21.31
C GLU A 392 3.39 6.13 20.13
N LEU A 393 3.56 5.60 18.91
CA LEU A 393 3.07 6.33 17.74
C LEU A 393 1.55 6.50 17.77
N LEU A 394 0.83 5.45 18.17
CA LEU A 394 -0.62 5.52 18.26
C LEU A 394 -1.07 6.55 19.28
N PHE A 395 -0.42 6.55 20.46
CA PHE A 395 -0.79 7.50 21.50
C PHE A 395 -0.41 8.92 21.11
N CYS A 396 0.66 9.10 20.35
CA CYS A 396 1.00 10.43 19.89
C CYS A 396 -0.01 10.92 18.86
N VAL A 397 -0.51 10.02 18.03
CA VAL A 397 -1.56 10.41 17.07
C VAL A 397 -2.83 10.79 17.81
N VAL A 398 -3.23 9.99 18.79
CA VAL A 398 -4.49 10.25 19.51
C VAL A 398 -4.36 11.51 20.37
N ALA A 399 -3.25 11.66 21.08
CA ALA A 399 -3.08 12.80 21.96
C ALA A 399 -2.81 14.08 21.19
N GLY A 400 -2.23 13.97 20.00
CA GLY A 400 -1.92 15.15 19.22
C GLY A 400 -0.74 15.94 19.70
N ASP A 401 -0.01 15.44 20.69
CA ASP A 401 1.17 16.12 21.21
C ASP A 401 2.08 15.08 21.84
N THR A 402 3.32 15.49 22.08
CA THR A 402 4.33 14.62 22.67
C THR A 402 4.02 14.45 24.15
N VAL A 403 3.07 13.55 24.44
CA VAL A 403 2.67 13.31 25.82
C VAL A 403 3.72 12.53 26.61
N ARG A 404 4.69 11.93 25.92
CA ARG A 404 5.73 11.13 26.56
C ARG A 404 5.10 10.05 27.43
N TRP A 405 4.15 9.32 26.84
CA TRP A 405 3.32 8.41 27.61
C TRP A 405 4.16 7.32 28.29
N HIS A 406 5.10 6.73 27.55
CA HIS A 406 5.92 5.69 28.14
C HIS A 406 6.96 6.26 29.09
N ARG A 407 7.42 7.49 28.84
CA ARG A 407 8.35 8.13 29.76
C ARG A 407 7.70 8.40 31.11
N GLU A 408 6.45 8.84 31.12
CA GLU A 408 5.72 9.06 32.37
C GLU A 408 5.17 7.77 32.97
N HIS A 409 5.28 6.65 32.27
CA HIS A 409 4.83 5.35 32.79
C HIS A 409 6.00 4.38 32.97
N GLN A 410 7.21 4.90 33.14
CA GLN A 410 8.38 4.05 33.21
C GLN A 410 8.32 3.14 34.42
N PRO A 411 8.66 1.86 34.28
CA PRO A 411 8.65 0.95 35.43
C PRO A 411 9.72 1.32 36.47
N ASP A 412 10.95 1.52 36.01
CA ASP A 412 12.07 1.81 36.89
C ASP A 412 12.93 2.99 36.44
N GLY A 413 12.89 3.38 35.18
CA GLY A 413 13.70 4.48 34.70
C GLY A 413 14.93 4.04 33.93
N VAL A 414 15.56 2.95 34.38
CA VAL A 414 16.75 2.46 33.70
C VAL A 414 16.39 1.86 32.34
N SER A 415 15.18 1.34 32.18
CA SER A 415 14.76 0.74 30.93
C SER A 415 14.50 1.80 29.87
N VAL A 416 14.82 1.47 28.62
CA VAL A 416 14.56 2.38 27.51
C VAL A 416 13.07 2.38 27.20
N CYS A 417 12.48 3.58 27.10
CA CYS A 417 11.06 3.75 26.87
C CYS A 417 10.86 4.60 25.62
N PRO A 418 10.23 4.07 24.56
CA PRO A 418 10.13 4.83 23.31
C PRO A 418 9.21 6.04 23.46
N THR A 419 9.73 7.19 23.06
CA THR A 419 8.97 8.43 23.05
C THR A 419 9.04 9.06 21.67
N ALA A 420 7.96 9.73 21.29
CA ALA A 420 7.92 10.44 20.01
C ALA A 420 8.46 11.85 20.18
N ALA A 421 9.37 12.24 19.28
CA ALA A 421 9.96 13.57 19.33
C ALA A 421 9.04 14.64 18.81
N ARG A 422 7.96 14.26 18.13
CA ARG A 422 7.03 15.20 17.52
C ARG A 422 5.75 14.45 17.22
N THR A 423 4.71 15.19 16.87
CA THR A 423 3.47 14.58 16.44
C THR A 423 3.66 13.96 15.06
N LEU A 424 2.62 13.34 14.53
CA LEU A 424 2.70 12.59 13.30
C LEU A 424 2.03 13.35 12.16
N THR A 425 2.72 13.43 11.02
CA THR A 425 2.12 13.95 9.80
C THR A 425 1.01 13.01 9.34
N LEU A 426 0.09 13.55 8.54
CA LEU A 426 -1.01 12.73 8.04
C LEU A 426 -0.52 11.55 7.22
N HIS A 427 0.58 11.73 6.47
CA HIS A 427 1.11 10.62 5.69
C HIS A 427 1.58 9.49 6.60
N GLU A 428 2.26 9.82 7.69
CA GLU A 428 2.74 8.78 8.61
C GLU A 428 1.58 8.07 9.30
N THR A 429 0.55 8.83 9.70
CA THR A 429 -0.63 8.21 10.29
C THR A 429 -1.29 7.27 9.30
N ASP A 430 -1.34 7.66 8.03
CA ASP A 430 -1.97 6.79 7.01
C ASP A 430 -1.10 5.54 6.82
N CYS A 431 0.23 5.72 6.82
CA CYS A 431 1.13 4.57 6.70
C CYS A 431 0.84 3.56 7.81
N LEU A 432 0.84 4.02 9.05
CA LEU A 432 0.66 3.11 10.18
C LEU A 432 -0.72 2.48 10.19
N LEU A 433 -1.76 3.28 10.01
CA LEU A 433 -3.12 2.78 10.19
C LEU A 433 -3.65 2.03 8.98
N GLN A 434 -3.01 2.14 7.81
CA GLN A 434 -3.49 1.43 6.63
C GLN A 434 -2.59 0.30 6.20
N VAL A 435 -1.27 0.39 6.42
CA VAL A 435 -0.37 -0.64 5.90
C VAL A 435 0.43 -1.28 7.03
N PHE A 436 1.20 -0.49 7.76
CA PHE A 436 2.21 -1.04 8.65
C PHE A 436 1.60 -1.88 9.77
N ILE A 437 0.80 -1.24 10.62
CA ILE A 437 0.18 -1.96 11.74
C ILE A 437 -0.72 -3.09 11.27
N PRO A 438 -1.57 -2.93 10.24
CA PRO A 438 -2.34 -4.09 9.78
C PRO A 438 -1.48 -5.26 9.32
N ALA A 439 -0.37 -4.98 8.63
CA ALA A 439 0.50 -6.06 8.18
C ALA A 439 1.14 -6.78 9.38
N LEU A 440 1.65 -6.01 10.33
CA LEU A 440 2.26 -6.59 11.56
C LEU A 440 1.20 -7.44 12.25
N LEU A 441 0.00 -6.90 12.43
CA LEU A 441 -1.04 -7.62 13.13
C LEU A 441 -1.39 -8.92 12.42
N GLN A 442 -1.44 -8.89 11.09
CA GLN A 442 -1.66 -10.12 10.34
C GLN A 442 -0.55 -11.12 10.62
N GLN A 443 0.68 -10.64 10.78
CA GLN A 443 1.78 -11.55 11.09
C GLN A 443 1.63 -12.15 12.48
N VAL A 444 1.06 -11.41 13.43
CA VAL A 444 0.91 -11.89 14.79
C VAL A 444 -0.52 -12.36 15.08
N GLY A 445 -1.24 -12.78 14.04
CA GLY A 445 -2.57 -13.34 14.26
C GLY A 445 -3.60 -12.34 14.74
N PHE A 446 -3.38 -11.05 14.48
CA PHE A 446 -4.34 -9.97 14.84
C PHE A 446 -4.49 -9.88 16.36
N GLU A 447 -3.44 -10.22 17.09
CA GLU A 447 -3.45 -10.15 18.57
C GLU A 447 -2.61 -8.95 18.96
N TRP A 448 -3.10 -8.14 19.89
CA TRP A 448 -2.40 -6.91 20.29
C TRP A 448 -2.89 -6.60 21.71
N PRO A 449 -2.29 -5.64 22.44
CA PRO A 449 -2.87 -5.23 23.71
C PRO A 449 -4.08 -4.35 23.36
N TRP A 450 -5.16 -4.94 22.84
CA TRP A 450 -6.33 -4.17 22.33
C TRP A 450 -7.10 -3.37 23.38
N SER A 451 -7.51 -3.99 24.49
CA SER A 451 -8.33 -3.32 25.52
C SER A 451 -7.54 -2.21 26.19
N GLU A 452 -6.26 -2.46 26.43
CA GLU A 452 -5.42 -1.49 27.14
C GLU A 452 -5.22 -0.26 26.27
N SER A 453 -4.88 -0.47 25.01
CA SER A 453 -4.62 0.62 24.08
C SER A 453 -5.85 1.49 23.90
N LEU A 454 -7.03 0.86 23.77
CA LEU A 454 -8.25 1.64 23.61
C LEU A 454 -8.53 2.48 24.85
N ARG A 455 -8.35 1.90 26.04
CA ARG A 455 -8.57 2.66 27.27
C ARG A 455 -7.67 3.88 27.35
N HIS A 456 -6.36 3.69 27.13
CA HIS A 456 -5.46 4.80 27.32
C HIS A 456 -5.58 5.83 26.20
N ALA A 457 -5.94 5.39 24.99
CA ALA A 457 -6.25 6.35 23.94
C ALA A 457 -7.47 7.18 24.30
N LYS A 458 -8.49 6.55 24.90
CA LYS A 458 -9.65 7.30 25.35
C LYS A 458 -9.28 8.32 26.42
N MET A 459 -8.40 7.95 27.35
CA MET A 459 -7.93 8.95 28.31
C MET A 459 -7.21 10.09 27.60
N LEU A 460 -6.39 9.77 26.61
CA LEU A 460 -5.70 10.82 25.88
C LEU A 460 -6.64 11.69 25.06
N ASP A 461 -7.85 11.20 24.79
CA ASP A 461 -8.82 12.00 24.05
C ASP A 461 -9.20 13.27 24.79
N ARG A 462 -9.44 13.17 26.10
CA ARG A 462 -9.83 14.32 26.91
C ARG A 462 -8.58 15.05 27.39
N ALA A 463 -8.00 15.82 26.49
CA ALA A 463 -6.80 16.58 26.79
C ALA A 463 -6.82 17.85 25.94
N ARG A 464 -5.70 18.56 25.94
CA ARG A 464 -5.56 19.78 25.14
C ARG A 464 -4.17 19.89 24.54
N VAL A 469 3.39 23.78 18.54
CA VAL A 469 3.20 22.49 17.90
C VAL A 469 3.75 22.52 16.48
N MET A 470 3.58 21.38 15.79
CA MET A 470 4.10 21.20 14.41
C MET A 470 3.02 21.64 13.43
N GLU A 471 3.39 22.37 12.39
CA GLU A 471 2.41 22.85 11.39
C GLU A 471 1.60 21.69 10.85
N ASP A 472 2.27 20.63 10.41
CA ASP A 472 1.58 19.51 9.71
C ASP A 472 1.22 18.37 10.65
N GLY A 473 1.35 18.58 11.95
CA GLY A 473 0.98 17.52 12.88
C GLY A 473 -0.52 17.33 12.93
N VAL A 474 -0.91 16.11 13.23
CA VAL A 474 -2.35 15.74 13.21
C VAL A 474 -2.80 15.13 14.52
N ARG A 475 -4.05 15.38 14.91
CA ARG A 475 -4.64 14.71 16.08
C ARG A 475 -5.90 14.03 15.55
N LEU A 476 -6.08 12.77 15.85
CA LEU A 476 -7.30 12.07 15.44
C LEU A 476 -7.86 11.46 16.71
N ASP A 477 -9.18 11.34 16.80
CA ASP A 477 -9.83 10.77 17.99
C ASP A 477 -9.56 9.27 18.02
N SER A 478 -9.68 8.68 19.19
CA SER A 478 -9.43 7.24 19.37
C SER A 478 -10.39 6.44 18.52
N ARG A 479 -11.67 6.80 18.53
CA ARG A 479 -12.70 6.12 17.73
C ARG A 479 -12.19 6.06 16.28
N SER A 480 -11.74 7.20 15.76
CA SER A 480 -11.26 7.30 14.37
C SER A 480 -10.04 6.40 14.21
N VAL A 481 -9.08 6.56 15.11
CA VAL A 481 -7.83 5.82 14.96
C VAL A 481 -8.11 4.32 14.91
N PHE A 482 -8.88 3.84 15.87
CA PHE A 482 -9.13 2.40 15.93
C PHE A 482 -10.13 1.97 14.86
N GLU A 483 -11.04 2.84 14.44
CA GLU A 483 -11.89 2.52 13.31
C GLU A 483 -11.07 2.32 12.05
N GLU A 484 -10.14 3.25 11.77
CA GLU A 484 -9.28 3.10 10.60
C GLU A 484 -8.43 1.85 10.70
N LEU A 485 -7.86 1.59 11.87
CA LEU A 485 -7.01 0.43 12.04
C LEU A 485 -7.79 -0.86 11.79
N LEU A 486 -9.01 -0.96 12.32
CA LEU A 486 -9.77 -2.19 12.17
C LEU A 486 -10.39 -2.34 10.79
N VAL A 487 -10.76 -1.25 10.11
CA VAL A 487 -11.22 -1.41 8.73
C VAL A 487 -10.06 -1.83 7.83
N SER A 488 -8.85 -1.31 8.07
CA SER A 488 -7.70 -1.80 7.31
C SER A 488 -7.41 -3.26 7.64
N VAL A 489 -7.54 -3.62 8.92
CA VAL A 489 -7.27 -4.99 9.34
C VAL A 489 -8.33 -5.95 8.80
N ALA A 490 -9.59 -5.52 8.81
CA ALA A 490 -10.69 -6.40 8.40
C ALA A 490 -10.58 -6.83 6.94
N ARG A 491 -9.82 -6.12 6.12
CA ARG A 491 -9.65 -6.49 4.69
C ARG A 491 -8.75 -7.74 4.58
N ARG A 492 -7.86 -7.95 5.54
CA ARG A 492 -6.97 -9.09 5.54
C ARG A 492 -7.55 -10.31 6.24
N THR A 493 -8.75 -10.20 6.80
CA THR A 493 -9.36 -11.30 7.53
C THR A 493 -10.86 -11.23 7.32
N TYR A 494 -11.61 -11.92 8.17
CA TYR A 494 -13.07 -11.89 8.13
C TYR A 494 -13.60 -11.38 9.46
N GLY A 495 -14.90 -11.11 9.49
CA GLY A 495 -15.51 -10.50 10.66
C GLY A 495 -15.45 -11.38 11.90
N LEU A 496 -15.55 -12.70 11.73
CA LEU A 496 -15.60 -13.60 12.87
C LEU A 496 -14.29 -13.59 13.64
N ARG A 497 -13.15 -13.58 12.94
CA ARG A 497 -11.87 -13.57 13.63
C ARG A 497 -11.69 -12.31 14.47
N LEU A 498 -12.01 -11.15 13.89
CA LEU A 498 -11.90 -9.91 14.64
C LEU A 498 -12.89 -9.87 15.79
N ARG A 499 -14.09 -10.42 15.59
CA ARG A 499 -15.07 -10.50 16.66
C ARG A 499 -14.54 -11.32 17.83
N ALA A 500 -13.95 -12.48 17.52
CA ALA A 500 -13.41 -13.33 18.57
C ALA A 500 -12.23 -12.67 19.27
N ILE A 501 -11.33 -12.05 18.52
CA ILE A 501 -10.14 -11.46 19.11
C ILE A 501 -10.49 -10.24 19.95
N LEU A 502 -11.30 -9.35 19.39
CA LEU A 502 -11.53 -8.07 20.04
C LEU A 502 -12.40 -8.24 21.28
N PRO A 503 -12.12 -7.51 22.35
CA PRO A 503 -12.94 -7.61 23.55
C PRO A 503 -14.29 -6.92 23.40
N GLN A 504 -15.14 -7.03 24.43
CA GLN A 504 -16.47 -6.45 24.38
C GLN A 504 -16.43 -4.92 24.34
N SER A 505 -15.29 -4.30 24.64
CA SER A 505 -15.17 -2.86 24.55
C SER A 505 -15.07 -2.35 23.12
N PHE A 506 -14.89 -3.25 22.16
CA PHE A 506 -14.82 -2.89 20.74
C PHE A 506 -16.12 -3.16 20.02
N ASP A 507 -17.21 -3.42 20.74
CA ASP A 507 -18.49 -3.71 20.11
C ASP A 507 -18.97 -2.51 19.30
N VAL A 508 -18.82 -1.30 19.82
CA VAL A 508 -19.19 -0.11 19.07
C VAL A 508 -18.33 0.00 17.81
N ILE A 509 -17.01 -0.19 17.97
CA ILE A 509 -16.10 -0.16 16.83
C ILE A 509 -16.47 -1.26 15.84
N ALA A 510 -16.73 -2.47 16.34
CA ALA A 510 -17.05 -3.58 15.45
C ALA A 510 -18.32 -3.33 14.66
N GLU A 511 -19.35 -2.79 15.30
CA GLU A 511 -20.58 -2.47 14.59
C GLU A 511 -20.36 -1.33 13.59
N ASN A 512 -19.50 -0.37 13.92
CA ASN A 512 -19.21 0.70 12.99
C ASN A 512 -18.44 0.21 11.78
N ILE A 513 -17.59 -0.80 11.94
CA ILE A 513 -16.79 -1.34 10.83
C ILE A 513 -17.45 -2.52 10.14
N PHE A 514 -18.55 -3.03 10.67
CA PHE A 514 -19.27 -4.13 10.03
C PHE A 514 -20.77 -3.86 9.95
N SER A 539 -27.58 -4.35 1.33
CA SER A 539 -27.18 -2.96 1.11
C SER A 539 -25.68 -2.85 0.91
N SER A 540 -24.95 -3.89 1.34
CA SER A 540 -23.52 -3.95 1.06
C SER A 540 -23.24 -4.35 -0.38
N ARG A 541 -24.24 -4.86 -1.09
CA ARG A 541 -24.08 -5.26 -2.48
C ARG A 541 -24.22 -4.07 -3.41
N PHE A 542 -23.67 -4.22 -4.62
CA PHE A 542 -23.87 -3.27 -5.70
C PHE A 542 -25.18 -3.61 -6.40
N ALA A 543 -26.03 -2.61 -6.57
CA ALA A 543 -27.30 -2.80 -7.25
C ALA A 543 -27.47 -1.75 -8.34
N LEU A 544 -28.18 -2.12 -9.39
CA LEU A 544 -28.40 -1.20 -10.49
C LEU A 544 -29.18 0.01 -10.01
N PRO A 545 -28.77 1.21 -10.39
CA PRO A 545 -29.28 2.43 -9.72
C PRO A 545 -30.63 2.93 -10.21
N LEU A 546 -31.40 2.09 -10.90
CA LEU A 546 -32.71 2.42 -11.48
C LEU A 546 -32.51 3.32 -12.69
N TYR A 547 -31.29 3.79 -12.87
CA TYR A 547 -30.75 4.16 -14.15
C TYR A 547 -29.87 3.00 -14.57
N TYR A 548 -29.95 2.61 -15.83
CA TYR A 548 -29.37 1.37 -16.37
C TYR A 548 -30.04 0.12 -15.85
N ARG A 549 -31.14 0.24 -15.11
CA ARG A 549 -31.74 -0.96 -14.51
C ARG A 549 -32.36 -1.85 -15.57
N THR A 550 -33.25 -1.31 -16.38
CA THR A 550 -33.90 -2.13 -17.40
C THR A 550 -32.97 -2.44 -18.56
N ALA A 551 -32.02 -1.55 -18.85
CA ALA A 551 -31.00 -1.85 -19.85
C ALA A 551 -29.94 -2.80 -19.33
N GLY A 552 -29.61 -2.74 -18.04
CA GLY A 552 -28.60 -3.60 -17.48
C GLY A 552 -29.12 -4.96 -17.10
N GLU A 553 -30.44 -5.10 -16.99
CA GLU A 553 -31.01 -6.42 -16.70
C GLU A 553 -30.73 -7.40 -17.84
N VAL A 554 -30.86 -6.95 -19.08
CA VAL A 554 -30.56 -7.80 -20.23
C VAL A 554 -29.08 -8.18 -20.24
N LEU A 555 -28.22 -7.22 -19.96
CA LEU A 555 -26.78 -7.50 -19.92
C LEU A 555 -26.44 -8.48 -18.80
N LEU A 556 -27.09 -8.34 -17.65
CA LEU A 556 -26.92 -9.29 -16.56
C LEU A 556 -27.41 -10.69 -16.96
N GLU A 557 -28.47 -10.74 -17.77
CA GLU A 557 -29.06 -12.05 -18.15
C GLU A 557 -28.08 -12.73 -19.10
N TYR A 558 -27.48 -11.96 -19.97
CA TYR A 558 -26.45 -12.49 -20.86
C TYR A 558 -25.23 -12.96 -20.08
N PHE A 559 -24.75 -12.12 -19.16
CA PHE A 559 -23.56 -12.46 -18.38
C PHE A 559 -23.78 -13.72 -17.55
N ASP A 560 -24.95 -13.83 -16.92
CA ASP A 560 -25.27 -15.03 -16.15
C ASP A 560 -25.33 -16.26 -17.04
N ARG A 561 -25.89 -16.12 -18.24
CA ARG A 561 -26.01 -17.28 -19.12
C ARG A 561 -24.65 -17.76 -19.59
N CYS A 562 -23.74 -16.85 -19.92
CA CYS A 562 -22.47 -17.30 -20.47
C CYS A 562 -21.37 -17.43 -19.42
N GLY A 563 -21.28 -16.48 -18.51
CA GLY A 563 -20.21 -16.46 -17.53
C GLY A 563 -19.02 -15.69 -18.02
N PRO A 564 -18.12 -15.30 -17.10
CA PRO A 564 -16.95 -14.52 -17.52
C PRO A 564 -16.03 -15.27 -18.46
N SER A 565 -15.96 -16.59 -18.36
CA SER A 565 -15.17 -17.37 -19.30
C SER A 565 -15.72 -17.26 -20.71
N GLY A 566 -17.05 -17.31 -20.86
CA GLY A 566 -17.68 -17.25 -22.15
C GLY A 566 -18.06 -15.87 -22.65
N ILE A 567 -17.82 -14.83 -21.87
CA ILE A 567 -18.17 -13.48 -22.29
C ILE A 567 -17.24 -13.05 -23.42
N THR A 568 -17.82 -12.55 -24.50
CA THR A 568 -17.07 -12.05 -25.64
C THR A 568 -17.42 -10.58 -25.86
N ALA A 569 -16.46 -9.83 -26.40
CA ALA A 569 -16.67 -8.40 -26.60
C ALA A 569 -17.76 -8.14 -27.64
N GLU A 570 -17.75 -8.89 -28.75
CA GLU A 570 -18.68 -8.59 -29.84
C GLU A 570 -20.11 -8.98 -29.47
N GLU A 571 -20.28 -10.11 -28.78
CA GLU A 571 -21.62 -10.50 -28.37
C GLU A 571 -22.12 -9.56 -27.29
N THR A 572 -21.23 -9.09 -26.42
CA THR A 572 -21.61 -8.09 -25.43
C THR A 572 -22.03 -6.79 -26.10
N GLU A 573 -21.33 -6.38 -27.15
CA GLU A 573 -21.74 -5.19 -27.90
C GLU A 573 -23.11 -5.37 -28.51
N ARG A 574 -23.36 -6.54 -29.10
CA ARG A 574 -24.67 -6.81 -29.69
C ARG A 574 -25.77 -6.73 -28.64
N VAL A 575 -25.56 -7.35 -27.49
CA VAL A 575 -26.59 -7.34 -26.45
C VAL A 575 -26.76 -5.94 -25.88
N LEU A 576 -25.68 -5.18 -25.77
CA LEU A 576 -25.75 -3.83 -25.24
C LEU A 576 -26.56 -2.92 -26.15
N ARG A 577 -26.31 -2.98 -27.46
CA ARG A 577 -27.11 -2.19 -28.38
C ARG A 577 -28.56 -2.66 -28.43
N ARG A 578 -28.79 -3.96 -28.39
CA ARG A 578 -30.14 -4.51 -28.39
C ARG A 578 -30.94 -4.10 -27.17
N ALA A 579 -30.29 -3.82 -26.04
CA ALA A 579 -30.97 -3.48 -24.81
C ALA A 579 -31.14 -1.98 -24.63
N THR A 580 -30.11 -1.20 -24.95
CA THR A 580 -30.23 0.26 -24.81
C THR A 580 -31.23 0.83 -25.80
N ASP A 581 -31.12 0.44 -27.07
CA ASP A 581 -31.93 1.06 -28.12
C ASP A 581 -33.43 0.92 -27.83
N VAL A 582 -33.81 -0.14 -27.12
CA VAL A 582 -35.22 -0.31 -26.76
C VAL A 582 -35.65 0.73 -25.73
N GLN A 583 -34.74 1.11 -24.83
CA GLN A 583 -35.11 1.89 -23.65
C GLN A 583 -35.65 3.26 -24.06
N PRO A 584 -36.69 3.75 -23.37
CA PRO A 584 -37.33 5.01 -23.78
C PRO A 584 -36.40 6.21 -23.81
N MET A 585 -35.44 6.31 -22.90
CA MET A 585 -34.58 7.51 -22.89
C MET A 585 -33.74 7.55 -24.18
N VAL A 586 -33.29 6.39 -24.62
CA VAL A 586 -32.43 6.30 -25.83
C VAL A 586 -33.27 6.71 -27.04
N VAL A 587 -34.51 6.20 -27.11
CA VAL A 587 -35.42 6.55 -28.23
C VAL A 587 -35.60 8.07 -28.24
N GLN A 588 -35.94 8.66 -27.08
CA GLN A 588 -36.13 10.12 -26.98
C GLN A 588 -34.87 10.83 -27.50
N LEU A 589 -33.70 10.51 -26.92
CA LEU A 589 -32.44 11.20 -27.32
C LEU A 589 -32.21 11.00 -28.81
N GLN A 590 -32.34 9.76 -29.31
CA GLN A 590 -32.16 9.49 -30.75
C GLN A 590 -33.17 10.31 -31.56
N ALA A 591 -34.45 10.27 -31.16
CA ALA A 591 -35.50 10.99 -31.92
C ALA A 591 -35.20 12.49 -31.92
N LEU A 592 -34.81 13.03 -30.76
CA LEU A 592 -34.53 14.49 -30.64
C LEU A 592 -33.10 14.78 -31.14
N VAL A 614 -32.66 23.01 -26.85
CA VAL A 614 -33.56 23.02 -27.99
C VAL A 614 -32.83 22.52 -29.22
N TYR A 615 -31.50 22.56 -29.19
CA TYR A 615 -30.67 22.13 -30.30
C TYR A 615 -29.73 21.04 -29.84
N PHE A 616 -29.66 19.94 -30.60
CA PHE A 616 -28.80 18.80 -30.28
C PHE A 616 -28.04 18.42 -31.54
N SER A 617 -26.75 18.73 -31.57
CA SER A 617 -25.92 18.31 -32.69
C SER A 617 -25.79 16.80 -32.72
N ALA A 618 -25.63 16.26 -33.93
CA ALA A 618 -25.46 14.81 -34.07
C ALA A 618 -24.26 14.32 -33.27
N ARG A 619 -23.22 15.14 -33.17
CA ARG A 619 -22.08 14.81 -32.34
C ARG A 619 -22.49 14.69 -30.87
N GLU A 620 -23.28 15.64 -30.38
CA GLU A 620 -23.79 15.55 -29.01
C GLU A 620 -24.69 14.33 -28.85
N LYS A 621 -25.50 14.02 -29.83
CA LYS A 621 -26.42 12.88 -29.58
C LYS A 621 -25.61 11.57 -29.57
N GLU A 622 -24.67 11.39 -30.50
CA GLU A 622 -23.88 10.17 -30.41
C GLU A 622 -23.05 10.14 -29.14
N ARG A 623 -22.57 11.31 -28.68
CA ARG A 623 -21.82 11.35 -27.43
C ARG A 623 -22.68 10.87 -26.27
N LEU A 624 -23.90 11.41 -26.18
CA LEU A 624 -24.81 11.11 -25.04
C LEU A 624 -25.28 9.65 -25.10
N LEU A 625 -25.45 9.10 -26.27
CA LEU A 625 -25.88 7.68 -26.41
C LEU A 625 -24.70 6.72 -26.16
N GLN A 626 -23.50 6.99 -26.68
CA GLN A 626 -22.35 6.16 -26.36
C GLN A 626 -22.02 6.20 -24.88
N ARG A 627 -22.16 7.38 -24.27
CA ARG A 627 -21.92 7.50 -22.84
C ARG A 627 -22.89 6.63 -22.05
N TYR A 628 -24.17 6.64 -22.43
CA TYR A 628 -25.14 5.81 -21.73
C TYR A 628 -24.83 4.32 -21.93
N ARG A 629 -24.45 3.93 -23.14
CA ARG A 629 -24.14 2.53 -23.39
C ARG A 629 -22.94 2.07 -22.57
N CYS A 630 -21.89 2.89 -22.51
CA CYS A 630 -20.72 2.53 -21.73
C CYS A 630 -21.03 2.48 -20.24
N GLU A 631 -21.85 3.42 -19.76
CA GLU A 631 -22.25 3.40 -18.36
C GLU A 631 -23.04 2.14 -18.05
N VAL A 632 -23.94 1.74 -18.94
CA VAL A 632 -24.69 0.52 -18.74
C VAL A 632 -23.75 -0.69 -18.69
N LEU A 633 -22.78 -0.72 -19.60
CA LEU A 633 -21.83 -1.83 -19.62
C LEU A 633 -21.04 -1.91 -18.33
N LEU A 634 -20.51 -0.78 -17.85
CA LEU A 634 -19.71 -0.80 -16.63
C LEU A 634 -20.56 -1.11 -15.41
N ALA A 635 -21.77 -0.57 -15.35
CA ALA A 635 -22.65 -0.88 -14.22
C ALA A 635 -23.01 -2.36 -14.20
N SER A 636 -23.29 -2.93 -15.37
CA SER A 636 -23.57 -4.36 -15.44
C SER A 636 -22.36 -5.17 -15.00
N LEU A 637 -21.17 -4.74 -15.41
CA LEU A 637 -19.95 -5.42 -15.00
C LEU A 637 -19.79 -5.41 -13.48
N VAL A 638 -19.96 -4.23 -12.87
CA VAL A 638 -19.78 -4.09 -11.43
C VAL A 638 -20.82 -4.89 -10.67
N VAL A 639 -22.06 -4.89 -11.16
CA VAL A 639 -23.12 -5.64 -10.48
C VAL A 639 -22.90 -7.14 -10.61
N TYR A 640 -22.53 -7.61 -11.81
CA TYR A 640 -22.34 -9.04 -12.01
C TYR A 640 -21.17 -9.56 -11.21
N THR A 641 -20.02 -8.88 -11.29
CA THR A 641 -18.86 -9.34 -10.56
C THR A 641 -19.00 -9.09 -9.06
N GLN A 642 -19.74 -8.06 -8.68
CA GLN A 642 -19.80 -7.53 -7.32
C GLN A 642 -18.44 -7.04 -6.84
N LEU A 643 -17.45 -7.02 -7.73
CA LEU A 643 -16.09 -6.58 -7.42
C LEU A 643 -15.48 -7.37 -6.28
N ARG A 644 -15.80 -8.66 -6.17
CA ARG A 644 -15.35 -9.46 -5.04
C ARG A 644 -14.16 -10.36 -5.37
N THR A 645 -14.02 -10.79 -6.62
CA THR A 645 -12.90 -11.63 -7.03
C THR A 645 -12.06 -10.85 -8.03
N VAL A 646 -10.79 -10.62 -7.72
CA VAL A 646 -9.90 -9.83 -8.63
C VAL A 646 -9.70 -10.62 -9.94
N SER A 647 -9.70 -11.94 -9.89
CA SER A 647 -9.48 -12.69 -11.12
C SER A 647 -10.64 -12.47 -12.10
N VAL A 648 -11.88 -12.56 -11.62
CA VAL A 648 -13.04 -12.34 -12.48
C VAL A 648 -13.07 -10.91 -12.98
N VAL A 649 -12.81 -9.95 -12.08
CA VAL A 649 -12.81 -8.54 -12.47
C VAL A 649 -11.77 -8.29 -13.55
N GLN A 650 -10.55 -8.80 -13.34
CA GLN A 650 -9.49 -8.57 -14.31
C GLN A 650 -9.79 -9.25 -15.63
N GLN A 651 -10.30 -10.48 -15.61
CA GLN A 651 -10.59 -11.19 -16.85
C GLN A 651 -11.71 -10.49 -17.62
N LEU A 652 -12.75 -10.03 -16.94
CA LEU A 652 -13.84 -9.36 -17.63
C LEU A 652 -13.39 -8.01 -18.19
N THR A 653 -12.57 -7.27 -17.44
CA THR A 653 -12.04 -6.02 -17.96
C THR A 653 -11.13 -6.26 -19.16
N ARG A 654 -10.36 -7.35 -19.13
CA ARG A 654 -9.51 -7.69 -20.27
C ARG A 654 -10.35 -8.03 -21.49
N GLN A 655 -11.42 -8.81 -21.31
CA GLN A 655 -12.26 -9.19 -22.42
C GLN A 655 -12.99 -7.98 -23.01
N LEU A 656 -13.51 -7.09 -22.16
CA LEU A 656 -14.32 -5.98 -22.62
C LEU A 656 -13.53 -4.70 -22.82
N ALA A 657 -12.21 -4.74 -22.65
CA ALA A 657 -11.39 -3.56 -22.86
C ALA A 657 -11.51 -2.98 -24.26
N PRO A 658 -11.51 -3.78 -25.34
CA PRO A 658 -11.77 -3.18 -26.66
C PRO A 658 -13.11 -2.48 -26.74
N LEU A 659 -14.14 -3.06 -26.12
CA LEU A 659 -15.47 -2.45 -26.16
C LEU A 659 -15.47 -1.11 -25.44
N PHE A 660 -14.84 -1.05 -24.26
CA PHE A 660 -14.77 0.20 -23.52
C PHE A 660 -13.98 1.24 -24.30
N GLU A 661 -12.85 0.84 -24.89
CA GLU A 661 -12.04 1.79 -25.64
C GLU A 661 -12.78 2.32 -26.86
N GLN A 662 -13.55 1.45 -27.50
CA GLN A 662 -14.36 1.88 -28.64
C GLN A 662 -15.48 2.83 -28.21
N LEU A 663 -16.10 2.57 -27.05
CA LEU A 663 -17.21 3.41 -26.61
C LEU A 663 -16.75 4.76 -26.10
N LEU A 664 -15.62 4.81 -25.39
CA LEU A 664 -15.09 6.09 -24.92
C LEU A 664 -14.20 6.78 -25.94
N LEU A 665 -14.07 6.24 -27.15
CA LEU A 665 -13.33 6.96 -28.19
C LEU A 665 -13.96 8.32 -28.51
N PRO A 666 -15.27 8.44 -28.74
CA PRO A 666 -15.84 9.79 -28.93
C PRO A 666 -15.80 10.64 -27.68
N LEU A 667 -15.95 10.04 -26.49
CA LEU A 667 -16.06 10.82 -25.27
C LEU A 667 -14.71 11.41 -24.88
N ALA A 668 -13.72 10.55 -24.61
CA ALA A 668 -12.33 10.97 -24.42
C ALA A 668 -12.18 12.07 -23.38
N HIS A 669 -11.30 13.03 -23.67
CA HIS A 669 -11.10 14.18 -22.80
C HIS A 669 -11.93 15.37 -23.28
N GLU A 670 -13.24 15.13 -23.38
CA GLU A 670 -14.17 16.12 -23.87
C GLU A 670 -15.44 16.11 -23.02
N ARG A 671 -15.98 17.30 -22.77
CA ARG A 671 -17.26 17.41 -22.08
C ARG A 671 -18.38 16.89 -22.97
N THR A 672 -19.34 16.19 -22.35
CA THR A 672 -20.42 15.58 -23.14
C THR A 672 -21.27 16.65 -23.81
N LEU A 673 -21.57 17.74 -23.10
CA LEU A 673 -22.31 18.84 -23.69
C LEU A 673 -21.37 19.81 -24.38
N SER A 674 -21.86 20.41 -25.47
CA SER A 674 -21.02 21.32 -26.25
C SER A 674 -20.59 22.52 -25.44
N ARG A 675 -21.53 23.04 -24.67
CA ARG A 675 -21.31 24.28 -23.89
C ARG A 675 -21.44 23.97 -22.41
N CYS A 676 -20.79 24.76 -21.54
CA CYS A 676 -20.91 24.58 -20.11
C CYS A 676 -22.38 24.71 -19.70
N PRO A 677 -22.89 23.81 -18.86
CA PRO A 677 -24.31 23.84 -18.50
C PRO A 677 -24.68 24.90 -17.48
N VAL A 678 -23.80 25.86 -17.19
CA VAL A 678 -24.06 26.92 -16.24
C VAL A 678 -23.73 28.23 -16.91
N ILE A 679 -24.66 29.19 -16.84
CA ILE A 679 -24.49 30.50 -17.46
C ILE A 679 -24.81 31.59 -16.45
N ALA A 680 -24.55 32.83 -16.85
CA ALA A 680 -24.84 34.02 -16.06
C ALA A 680 -24.15 34.00 -14.70
N LEU A 694 -29.01 34.46 -9.66
CA LEU A 694 -29.41 34.79 -11.02
C LEU A 694 -28.64 33.95 -12.03
N VAL A 695 -27.98 32.91 -11.54
CA VAL A 695 -27.26 31.96 -12.38
C VAL A 695 -28.12 30.71 -12.54
N ASP A 696 -28.23 30.23 -13.78
CA ASP A 696 -29.20 29.21 -14.15
C ASP A 696 -28.49 28.19 -15.03
N LEU A 697 -29.18 27.10 -15.33
CA LEU A 697 -28.62 26.04 -16.15
C LEU A 697 -28.98 26.24 -17.61
N THR A 698 -28.12 25.71 -18.48
CA THR A 698 -28.29 25.87 -19.92
C THR A 698 -29.52 25.12 -20.41
N PRO A 699 -30.27 25.67 -21.38
CA PRO A 699 -31.56 25.07 -21.74
C PRO A 699 -31.50 23.61 -22.20
N GLU A 700 -30.50 23.22 -22.98
CA GLU A 700 -30.44 21.82 -23.39
C GLU A 700 -30.08 20.92 -22.22
N PHE A 701 -29.25 21.40 -21.29
CA PHE A 701 -28.98 20.63 -20.09
C PHE A 701 -30.25 20.43 -19.29
N LYS A 702 -31.04 21.49 -19.13
CA LYS A 702 -32.31 21.39 -18.42
C LYS A 702 -33.23 20.40 -19.12
N MET A 703 -33.28 20.45 -20.44
CA MET A 703 -34.11 19.52 -21.19
C MET A 703 -33.69 18.09 -20.90
N LEU A 704 -32.40 17.80 -20.98
CA LEU A 704 -31.90 16.42 -20.73
C LEU A 704 -32.28 15.98 -19.31
N VAL A 705 -32.03 16.81 -18.30
CA VAL A 705 -32.30 16.36 -16.94
C VAL A 705 -33.79 16.15 -16.71
N ASP A 706 -34.63 17.07 -17.20
CA ASP A 706 -36.04 17.06 -16.84
C ASP A 706 -36.88 16.22 -17.79
N GLU A 707 -36.92 16.59 -19.07
CA GLU A 707 -37.84 15.95 -19.99
C GLU A 707 -37.36 14.57 -20.42
N ILE A 708 -36.05 14.43 -20.68
CA ILE A 708 -35.51 13.17 -21.20
C ILE A 708 -35.02 12.24 -20.09
N HIS A 709 -34.84 12.74 -18.88
CA HIS A 709 -34.37 11.96 -17.74
C HIS A 709 -32.95 11.43 -17.96
N TYR A 710 -32.07 12.33 -18.43
CA TYR A 710 -30.64 12.00 -18.60
C TYR A 710 -29.94 12.43 -17.35
N GLU A 711 -29.15 11.54 -16.76
CA GLU A 711 -28.49 11.79 -15.49
C GLU A 711 -27.02 12.12 -15.73
N PHE A 712 -26.66 13.36 -15.42
CA PHE A 712 -25.27 13.79 -15.37
C PHE A 712 -24.79 13.71 -13.93
N TYR A 713 -23.62 13.12 -13.72
CA TYR A 713 -23.08 13.08 -12.37
C TYR A 713 -22.67 14.48 -11.94
N PRO A 714 -22.83 14.81 -10.64
CA PRO A 714 -22.73 16.22 -10.23
C PRO A 714 -21.40 16.87 -10.53
N LEU A 715 -20.30 16.11 -10.57
CA LEU A 715 -19.00 16.72 -10.80
C LEU A 715 -18.92 17.41 -12.16
N GLU A 716 -19.82 17.06 -13.08
CA GLU A 716 -19.82 17.68 -14.40
C GLU A 716 -20.23 19.15 -14.34
N TRP A 717 -21.14 19.52 -13.45
CA TRP A 717 -21.66 20.87 -13.41
C TRP A 717 -21.63 21.54 -12.05
N VAL A 718 -21.60 20.79 -10.94
CA VAL A 718 -21.69 21.41 -9.62
C VAL A 718 -20.54 22.36 -9.35
N PRO A 719 -19.27 22.02 -9.63
CA PRO A 719 -18.20 23.02 -9.39
C PRO A 719 -18.38 24.31 -10.17
N GLU A 720 -18.83 24.24 -11.42
CA GLU A 720 -19.06 25.46 -12.18
C GLU A 720 -20.23 26.25 -11.60
N ALA A 721 -21.26 25.56 -11.13
CA ALA A 721 -22.37 26.23 -10.47
C ALA A 721 -21.90 26.95 -9.22
N VAL A 722 -21.04 26.31 -8.43
CA VAL A 722 -20.50 26.93 -7.23
C VAL A 722 -19.66 28.14 -7.59
N ASP A 723 -18.97 28.08 -8.71
CA ASP A 723 -18.05 29.20 -9.01
C ASP A 723 -18.92 30.36 -9.50
N ALA A 724 -20.00 30.06 -10.22
CA ALA A 724 -20.93 31.13 -10.59
C ALA A 724 -21.53 31.77 -9.36
N HIS A 725 -21.93 30.96 -8.38
CA HIS A 725 -22.53 31.50 -7.17
C HIS A 725 -21.54 32.34 -6.37
N ILE A 726 -20.27 31.97 -6.39
CA ILE A 726 -19.27 32.82 -5.75
C ILE A 726 -19.11 34.13 -6.51
N ARG A 727 -19.10 34.04 -7.83
CA ARG A 727 -18.98 35.28 -8.65
C ARG A 727 -20.14 36.20 -8.28
N GLN A 728 -21.31 35.62 -8.01
CA GLN A 728 -22.46 36.45 -7.64
C GLN A 728 -22.11 37.38 -6.49
N GLU A 729 -21.41 36.87 -5.48
CA GLU A 729 -21.02 37.67 -4.33
C GLU A 729 -19.62 38.26 -4.51
N PRO A 747 -12.21 23.84 -20.86
CA PRO A 747 -13.01 23.07 -19.91
C PRO A 747 -12.22 22.60 -18.70
N PRO A 748 -12.83 22.65 -17.52
CA PRO A 748 -12.17 22.09 -16.33
C PRO A 748 -11.94 20.60 -16.48
N CYS A 749 -10.89 20.11 -15.83
CA CYS A 749 -10.52 18.71 -15.97
C CYS A 749 -11.61 17.78 -15.47
N PHE A 750 -12.22 18.11 -14.34
CA PHE A 750 -13.32 17.30 -13.84
C PHE A 750 -14.58 17.46 -14.68
N ALA A 751 -14.72 18.57 -15.40
CA ALA A 751 -15.85 18.72 -16.31
C ALA A 751 -15.78 17.71 -17.45
N GLN A 752 -14.58 17.32 -17.86
CA GLN A 752 -14.42 16.30 -18.89
C GLN A 752 -14.94 14.96 -18.39
N TYR A 753 -15.49 14.18 -19.31
CA TYR A 753 -16.24 12.99 -18.92
C TYR A 753 -15.33 11.93 -18.33
N SER A 754 -15.84 11.27 -17.28
CA SER A 754 -15.19 10.11 -16.70
C SER A 754 -16.25 9.05 -16.48
N LEU A 755 -16.07 7.90 -17.13
CA LEU A 755 -17.05 6.82 -17.02
C LEU A 755 -17.15 6.34 -15.59
N PHE A 756 -16.02 6.24 -14.91
CA PHE A 756 -16.01 5.72 -13.54
C PHE A 756 -16.57 6.73 -12.56
N ALA A 757 -16.43 8.03 -12.82
CA ALA A 757 -17.11 9.02 -11.99
C ALA A 757 -18.62 8.88 -12.10
N ALA A 758 -19.13 8.67 -13.32
CA ALA A 758 -20.55 8.47 -13.50
C ALA A 758 -21.04 7.21 -12.79
N ILE A 759 -20.29 6.11 -12.92
CA ILE A 759 -20.71 4.87 -12.29
C ILE A 759 -20.63 4.98 -10.77
N ALA A 760 -19.61 5.68 -10.26
CA ALA A 760 -19.51 5.90 -8.81
C ALA A 760 -20.68 6.72 -8.29
N HIS A 761 -21.06 7.78 -9.02
CA HIS A 761 -22.20 8.57 -8.58
C HIS A 761 -23.49 7.76 -8.63
N GLN A 762 -23.65 6.93 -9.66
CA GLN A 762 -24.88 6.15 -9.78
C GLN A 762 -25.01 5.14 -8.64
N PHE A 763 -23.89 4.51 -8.26
CA PHE A 763 -23.91 3.55 -7.16
C PHE A 763 -23.91 4.21 -5.79
N GLY A 764 -23.91 5.53 -5.73
CA GLY A 764 -23.96 6.22 -4.46
C GLY A 764 -22.73 6.05 -3.60
N LEU A 765 -21.55 6.07 -4.21
CA LEU A 765 -20.29 6.00 -3.46
C LEU A 765 -19.98 7.39 -2.95
N VAL A 766 -20.62 7.77 -1.86
CA VAL A 766 -20.44 9.07 -1.23
C VAL A 766 -19.52 8.92 -0.04
N LEU A 767 -18.36 9.55 -0.11
CA LEU A 767 -17.38 9.53 0.98
C LEU A 767 -17.23 10.95 1.49
N GLU A 768 -17.30 11.11 2.81
CA GLU A 768 -17.20 12.43 3.42
C GLU A 768 -16.46 12.32 4.74
N GLY A 769 -16.37 13.45 5.43
CA GLY A 769 -15.72 13.50 6.73
C GLY A 769 -16.69 13.25 7.86
N ASN A 770 -16.21 13.45 9.03
CA ASN A 770 -16.98 13.25 10.25
C ASN A 770 -17.55 14.59 10.74
N PRO A 771 -18.69 14.57 11.41
CA PRO A 771 -19.19 15.79 12.04
C PRO A 771 -18.23 16.38 13.06
N ARG A 772 -17.42 15.54 13.72
CA ARG A 772 -16.49 16.03 14.73
C ARG A 772 -15.42 16.94 14.13
N GLY A 773 -15.24 16.90 12.82
CA GLY A 773 -14.22 17.71 12.17
C GLY A 773 -13.08 16.86 11.64
N PHE A 774 -11.89 17.44 11.57
CA PHE A 774 -10.73 16.68 11.11
C PHE A 774 -10.37 15.58 12.10
N ARG A 775 -10.68 15.78 13.39
CA ARG A 775 -10.31 14.81 14.41
C ARG A 775 -10.97 13.45 14.20
N GLY A 776 -12.04 13.39 13.42
CA GLY A 776 -12.66 12.13 13.08
C GLY A 776 -12.11 11.60 11.78
N GLY A 777 -12.89 11.71 10.71
CA GLY A 777 -12.39 11.35 9.39
C GLY A 777 -13.15 10.22 8.74
N ASP A 778 -13.47 9.19 9.51
CA ASP A 778 -14.21 8.05 8.98
C ASP A 778 -15.71 8.32 9.00
N GLY A 779 -16.11 9.46 8.47
CA GLY A 779 -17.54 9.75 8.38
C GLY A 779 -18.08 9.23 7.07
N SER A 780 -18.59 8.01 7.09
CA SER A 780 -19.10 7.31 5.92
C SER A 780 -19.69 6.00 6.41
N SER A 781 -20.75 5.56 5.74
CA SER A 781 -21.35 4.29 6.12
C SER A 781 -20.37 3.16 5.83
N SER A 782 -20.48 2.10 6.62
CA SER A 782 -19.62 0.93 6.41
C SER A 782 -19.84 0.33 5.03
N GLU A 783 -21.10 0.26 4.60
CA GLU A 783 -21.41 -0.31 3.29
C GLU A 783 -20.76 0.52 2.17
N VAL A 784 -20.94 1.84 2.23
CA VAL A 784 -20.36 2.69 1.18
C VAL A 784 -18.84 2.66 1.25
N ARG A 785 -18.25 2.51 2.43
CA ARG A 785 -16.77 2.57 2.47
C ARG A 785 -16.21 1.24 1.93
N THR A 786 -16.87 0.12 2.23
CA THR A 786 -16.41 -1.19 1.75
C THR A 786 -16.54 -1.23 0.25
N LYS A 787 -17.64 -0.70 -0.27
CA LYS A 787 -17.88 -0.68 -1.74
C LYS A 787 -16.84 0.24 -2.41
N ALA A 788 -16.57 1.40 -1.86
CA ALA A 788 -15.64 2.34 -2.50
C ALA A 788 -14.22 1.80 -2.45
N TYR A 789 -13.91 0.92 -1.49
CA TYR A 789 -12.56 0.29 -1.51
C TYR A 789 -12.55 -0.72 -2.62
N ARG A 790 -13.54 -1.59 -2.67
CA ARG A 790 -13.56 -2.68 -3.65
C ARG A 790 -13.63 -2.08 -5.05
N PHE A 791 -13.92 -0.79 -5.18
CA PHE A 791 -14.09 -0.15 -6.51
C PHE A 791 -12.87 0.66 -6.86
N PHE A 792 -12.36 1.45 -5.93
CA PHE A 792 -11.22 2.32 -6.23
C PHE A 792 -9.95 1.49 -6.20
N THR A 793 -10.05 0.19 -5.93
CA THR A 793 -8.89 -0.70 -5.81
C THR A 793 -8.92 -1.78 -6.87
N LEU A 794 -10.07 -2.40 -7.13
CA LEU A 794 -10.12 -3.38 -8.21
C LEU A 794 -10.45 -2.73 -9.55
N MET A 795 -11.51 -1.94 -9.60
CA MET A 795 -11.97 -1.48 -10.93
C MET A 795 -11.10 -0.34 -11.44
N LEU A 796 -10.38 0.33 -10.57
CA LEU A 796 -9.60 1.48 -11.01
C LEU A 796 -8.10 1.27 -10.86
N LEU A 797 -7.64 0.95 -9.66
CA LEU A 797 -6.20 0.90 -9.42
C LEU A 797 -5.58 -0.35 -10.04
N ASN A 798 -6.27 -1.49 -9.93
CA ASN A 798 -5.73 -2.76 -10.46
C ASN A 798 -5.99 -2.86 -11.97
N ASN A 799 -6.80 -1.97 -12.53
CA ASN A 799 -7.01 -1.91 -13.97
C ASN A 799 -6.26 -0.78 -14.63
N LEU A 800 -5.46 -0.02 -13.89
CA LEU A 800 -4.67 1.07 -14.43
C LEU A 800 -3.32 0.53 -14.89
N GLY A 801 -3.06 0.60 -16.19
CA GLY A 801 -1.85 0.00 -16.74
C GLY A 801 -1.83 -1.50 -16.59
N ASP A 802 -2.96 -2.15 -16.81
CA ASP A 802 -3.08 -3.59 -16.62
C ASP A 802 -2.94 -4.31 -17.95
N ALA A 803 -2.36 -5.51 -17.89
CA ALA A 803 -1.99 -6.24 -19.09
C ALA A 803 -3.20 -6.56 -19.95
N VAL A 804 -2.97 -6.57 -21.26
CA VAL A 804 -4.05 -6.82 -22.21
C VAL A 804 -4.55 -8.26 -22.10
N SER A 805 -3.68 -9.20 -21.75
CA SER A 805 -4.06 -10.61 -21.69
C SER A 805 -3.49 -11.25 -20.44
N SER A 806 -4.09 -12.37 -20.06
CA SER A 806 -3.59 -13.18 -18.96
C SER A 806 -2.51 -14.13 -19.48
N SER A 807 -2.11 -15.09 -18.66
CA SER A 807 -1.04 -16.00 -19.02
C SER A 807 -1.53 -17.45 -19.12
N GLY A 844 3.15 -8.38 -19.44
CA GLY A 844 3.65 -7.09 -19.00
C GLY A 844 3.98 -6.17 -20.15
N ALA A 845 4.05 -4.88 -19.86
CA ALA A 845 4.36 -3.81 -20.79
C ALA A 845 3.31 -3.62 -21.88
N SER A 846 2.25 -4.40 -21.88
CA SER A 846 1.18 -4.29 -22.87
C SER A 846 -0.13 -4.06 -22.10
N PHE A 847 -0.57 -2.81 -22.03
CA PHE A 847 -1.67 -2.43 -21.16
C PHE A 847 -2.82 -1.81 -21.95
N HIS A 848 -4.05 -2.09 -21.50
CA HIS A 848 -5.23 -1.49 -22.09
C HIS A 848 -5.61 -0.23 -21.32
N SER A 849 -6.01 0.81 -22.06
CA SER A 849 -6.30 2.11 -21.47
C SER A 849 -7.77 2.28 -21.12
N VAL A 850 -8.33 1.32 -20.39
CA VAL A 850 -9.70 1.46 -19.90
C VAL A 850 -9.75 2.48 -18.77
N VAL A 851 -8.78 2.45 -17.87
CA VAL A 851 -8.69 3.35 -16.73
C VAL A 851 -7.49 4.26 -16.93
N SER A 852 -7.69 5.56 -16.72
CA SER A 852 -6.62 6.53 -16.75
C SER A 852 -6.43 7.14 -15.37
N ALA A 853 -5.26 7.73 -15.15
CA ALA A 853 -4.98 8.36 -13.85
C ALA A 853 -5.93 9.51 -13.57
N CYS A 854 -6.16 10.36 -14.57
CA CYS A 854 -7.12 11.44 -14.42
C CYS A 854 -8.48 10.90 -14.07
N ASP A 855 -8.85 9.73 -14.62
CA ASP A 855 -10.14 9.13 -14.30
C ASP A 855 -10.24 8.78 -12.82
N VAL A 856 -9.17 8.20 -12.26
CA VAL A 856 -9.19 7.83 -10.85
C VAL A 856 -9.29 9.08 -9.98
N VAL A 857 -8.53 10.12 -10.33
CA VAL A 857 -8.56 11.35 -9.53
C VAL A 857 -9.95 11.97 -9.56
N VAL A 858 -10.56 12.06 -10.75
CA VAL A 858 -11.86 12.70 -10.84
C VAL A 858 -12.95 11.84 -10.23
N THR A 859 -12.80 10.51 -10.26
CA THR A 859 -13.76 9.66 -9.56
C THR A 859 -13.68 9.89 -8.06
N MET A 860 -12.47 10.06 -7.52
CA MET A 860 -12.34 10.41 -6.09
C MET A 860 -13.01 11.76 -5.84
N THR A 861 -12.78 12.75 -6.69
CA THR A 861 -13.37 14.05 -6.42
C THR A 861 -14.89 14.01 -6.50
N GLN A 862 -15.44 13.23 -7.42
CA GLN A 862 -16.88 13.05 -7.49
C GLN A 862 -17.41 12.37 -6.23
N CYS A 863 -16.70 11.35 -5.75
CA CYS A 863 -17.11 10.67 -4.53
C CYS A 863 -17.02 11.55 -3.30
N LEU A 864 -16.17 12.58 -3.33
CA LEU A 864 -15.98 13.48 -2.20
C LEU A 864 -16.86 14.72 -2.27
N LEU A 865 -17.71 14.83 -3.28
CA LEU A 865 -18.67 15.93 -3.31
C LEU A 865 -19.65 15.80 -2.15
N PRO A 866 -20.13 16.92 -1.61
CA PRO A 866 -21.09 16.85 -0.50
C PRO A 866 -22.32 16.06 -0.88
N ALA A 867 -22.79 15.24 0.06
CA ALA A 867 -23.96 14.40 -0.20
C ALA A 867 -25.20 15.23 -0.45
N HIS A 868 -25.25 16.43 0.13
CA HIS A 868 -26.35 17.35 -0.15
C HIS A 868 -26.37 17.74 -1.62
N LEU A 869 -25.20 17.94 -2.21
CA LEU A 869 -25.05 18.33 -3.60
C LEU A 869 -24.92 17.14 -4.55
N SER A 870 -24.77 15.94 -4.02
CA SER A 870 -24.58 14.75 -4.85
C SER A 870 -25.83 13.90 -4.97
N SER A 871 -26.60 13.75 -3.90
CA SER A 871 -27.85 13.01 -3.98
C SER A 871 -28.87 13.78 -4.81
N HIS A 872 -29.58 13.07 -5.67
CA HIS A 872 -30.60 13.70 -6.48
C HIS A 872 -31.78 14.13 -5.62
N PRO A 873 -32.43 15.24 -5.96
CA PRO A 873 -33.61 15.67 -5.20
C PRO A 873 -34.74 14.66 -5.31
N ARG A 874 -35.60 14.61 -4.29
CA ARG A 874 -36.66 13.56 -4.27
C ARG A 874 -36.01 12.24 -4.69
N SER A 880 -37.61 21.21 -13.22
CA SER A 880 -38.05 21.08 -11.83
C SER A 880 -36.94 20.48 -10.98
N MET A 881 -36.43 19.32 -11.39
CA MET A 881 -35.31 18.71 -10.67
C MET A 881 -34.05 19.56 -10.82
N SER A 882 -33.81 20.09 -12.02
CA SER A 882 -32.59 20.85 -12.28
C SER A 882 -32.55 22.12 -11.44
N ASN A 883 -33.65 22.86 -11.40
CA ASN A 883 -33.65 24.11 -10.64
C ASN A 883 -33.60 23.85 -9.14
N GLU A 884 -34.21 22.77 -8.67
CA GLU A 884 -34.08 22.40 -7.27
C GLU A 884 -32.63 22.07 -6.93
N TRP A 885 -31.96 21.31 -7.81
CA TRP A 885 -30.55 21.00 -7.60
C TRP A 885 -29.71 22.27 -7.57
N MET A 886 -29.98 23.19 -8.48
CA MET A 886 -29.22 24.42 -8.55
C MET A 886 -29.44 25.30 -7.32
N ARG A 887 -30.67 25.34 -6.80
CA ARG A 887 -30.93 26.07 -5.57
C ARG A 887 -30.20 25.45 -4.38
N ARG A 888 -30.18 24.12 -4.33
CA ARG A 888 -29.39 23.42 -3.32
C ARG A 888 -27.93 23.84 -3.41
N VAL A 889 -27.40 23.86 -4.63
CA VAL A 889 -26.00 24.24 -4.82
C VAL A 889 -25.78 25.68 -4.36
N GLY A 890 -26.72 26.57 -4.65
CA GLY A 890 -26.56 27.95 -4.26
C GLY A 890 -26.52 28.15 -2.77
N GLU A 891 -27.44 27.50 -2.05
CA GLU A 891 -27.45 27.66 -0.60
C GLU A 891 -26.22 27.02 0.03
N TRP A 892 -25.78 25.87 -0.49
CA TRP A 892 -24.53 25.26 -0.01
C TRP A 892 -23.36 26.20 -0.25
N THR A 893 -23.32 26.85 -1.41
CA THR A 893 -22.22 27.75 -1.72
C THR A 893 -22.21 28.95 -0.79
N ARG A 894 -23.39 29.49 -0.48
CA ARG A 894 -23.46 30.60 0.47
C ARG A 894 -22.92 30.18 1.84
N SER A 895 -23.34 29.00 2.30
CA SER A 895 -22.85 28.51 3.60
C SER A 895 -21.33 28.31 3.58
N ALA A 896 -20.81 27.70 2.52
CA ALA A 896 -19.38 27.43 2.45
C ALA A 896 -18.58 28.72 2.34
N TYR A 897 -19.10 29.71 1.60
CA TYR A 897 -18.43 30.99 1.52
C TYR A 897 -18.39 31.67 2.88
N SER A 898 -19.48 31.60 3.63
CA SER A 898 -19.47 32.15 4.98
C SER A 898 -18.42 31.47 5.86
N LYS A 899 -18.36 30.13 5.79
CA LYS A 899 -17.36 29.40 6.57
C LYS A 899 -15.95 29.78 6.17
N TYR A 900 -15.71 29.88 4.86
CA TYR A 900 -14.37 30.23 4.37
C TYR A 900 -13.98 31.63 4.82
N THR A 901 -14.90 32.59 4.75
CA THR A 901 -14.57 33.93 5.21
C THR A 901 -14.31 33.96 6.70
N ALA A 902 -15.07 33.18 7.47
CA ALA A 902 -14.82 33.08 8.91
C ALA A 902 -13.41 32.54 9.17
N TYR A 903 -13.01 31.49 8.46
CA TYR A 903 -11.68 30.93 8.66
C TYR A 903 -10.61 31.93 8.24
N GLN A 904 -10.83 32.65 7.14
CA GLN A 904 -9.86 33.61 6.67
C GLN A 904 -9.65 34.73 7.67
N GLN A 905 -10.72 35.24 8.28
CA GLN A 905 -10.45 36.31 9.28
C GLN A 905 -9.91 35.66 10.56
N GLN A 906 -10.19 34.38 10.78
CA GLN A 906 -9.61 33.74 11.97
C GLN A 906 -8.10 33.64 11.91
N VAL A 907 -7.50 33.90 10.75
CA VAL A 907 -6.05 33.81 10.61
C VAL A 907 -5.45 35.17 10.30
N PRO A 913 4.15 28.08 9.03
CA PRO A 913 3.78 28.88 10.20
C PRO A 913 2.38 28.59 10.71
N VAL A 914 1.37 28.87 9.90
CA VAL A 914 -0.02 28.66 10.32
C VAL A 914 -0.32 27.17 10.32
N PRO A 915 -0.78 26.60 11.44
CA PRO A 915 -1.10 25.16 11.46
C PRO A 915 -2.20 24.81 10.46
N LEU A 916 -2.08 23.62 9.88
CA LEU A 916 -3.05 23.19 8.89
C LEU A 916 -4.40 22.90 9.51
N ILE A 917 -4.42 22.58 10.81
CA ILE A 917 -5.69 22.35 11.49
C ILE A 917 -6.46 23.64 11.68
N SER A 918 -5.78 24.79 11.59
CA SER A 918 -6.41 26.08 11.74
C SER A 918 -6.82 26.71 10.42
N LEU A 919 -6.61 26.02 9.30
CA LEU A 919 -7.00 26.52 7.99
C LEU A 919 -8.31 25.87 7.57
N TYR A 920 -8.95 26.47 6.56
CA TYR A 920 -10.24 25.97 6.10
C TYR A 920 -10.08 24.56 5.54
N ASN A 921 -10.97 23.67 5.95
CA ASN A 921 -10.93 22.29 5.52
C ASN A 921 -12.31 21.86 5.06
N SER A 922 -12.38 21.24 3.89
CA SER A 922 -13.63 20.70 3.36
C SER A 922 -13.94 19.32 3.88
N LEU A 923 -13.03 18.72 4.65
CA LEU A 923 -13.19 17.36 5.17
C LEU A 923 -13.46 16.35 4.05
N THR A 924 -12.66 16.44 2.99
CA THR A 924 -12.80 15.55 1.85
C THR A 924 -11.59 14.64 1.68
N PHE A 925 -10.39 15.19 1.50
CA PHE A 925 -9.17 14.40 1.38
C PHE A 925 -8.46 14.21 2.71
N ASP A 926 -8.44 15.24 3.55
CA ASP A 926 -7.88 15.13 4.89
C ASP A 926 -8.71 14.25 5.81
N SER A 927 -9.92 13.86 5.40
CA SER A 927 -10.80 13.05 6.22
C SER A 927 -10.84 11.59 5.80
N VAL A 928 -10.93 11.33 4.51
CA VAL A 928 -11.08 9.96 4.00
C VAL A 928 -9.70 9.43 3.65
N PRO A 929 -9.23 8.36 4.31
CA PRO A 929 -7.92 7.79 3.95
C PRO A 929 -7.91 7.07 2.62
N LEU A 930 -9.07 6.59 2.14
CA LEU A 930 -9.15 5.94 0.81
C LEU A 930 -8.79 6.94 -0.29
N ALA A 931 -9.13 8.22 -0.12
CA ALA A 931 -8.76 9.23 -1.11
C ALA A 931 -7.25 9.35 -1.24
N ARG A 932 -6.57 9.55 -0.11
CA ARG A 932 -5.12 9.73 -0.13
C ARG A 932 -4.43 8.47 -0.61
N GLU A 933 -4.90 7.30 -0.17
CA GLU A 933 -4.29 6.04 -0.59
C GLU A 933 -4.39 5.88 -2.10
N THR A 934 -5.57 6.14 -2.67
CA THR A 934 -5.75 5.99 -4.11
C THR A 934 -4.93 7.00 -4.89
N ILE A 935 -4.88 8.24 -4.41
CA ILE A 935 -4.14 9.27 -5.12
C ILE A 935 -2.64 8.94 -5.16
N ARG A 936 -2.10 8.46 -4.04
CA ARG A 936 -0.69 8.06 -4.04
C ARG A 936 -0.45 6.83 -4.92
N ALA A 937 -1.34 5.83 -4.81
CA ALA A 937 -1.13 4.60 -5.55
C ALA A 937 -1.27 4.80 -7.06
N VAL A 938 -1.97 5.84 -7.50
CA VAL A 938 -2.04 6.10 -8.93
C VAL A 938 -0.65 6.38 -9.49
N ARG A 939 0.08 7.31 -8.87
CA ARG A 939 1.43 7.61 -9.33
C ARG A 939 2.37 6.45 -9.11
N SER A 940 2.21 5.72 -8.00
CA SER A 940 3.06 4.55 -7.78
C SER A 940 2.88 3.52 -8.88
N ARG A 941 1.63 3.23 -9.25
CA ARG A 941 1.36 2.25 -10.30
C ARG A 941 1.87 2.72 -11.64
N LEU A 942 1.74 4.02 -11.93
CA LEU A 942 2.26 4.55 -13.18
C LEU A 942 3.77 4.37 -13.27
N LEU A 943 4.49 4.68 -12.19
CA LEU A 943 5.93 4.54 -12.22
C LEU A 943 6.34 3.07 -12.33
N GLU A 944 5.61 2.18 -11.64
CA GLU A 944 5.92 0.75 -11.74
C GLU A 944 5.72 0.25 -13.17
N LYS A 945 4.63 0.65 -13.81
CA LYS A 945 4.39 0.24 -15.19
C LYS A 945 5.44 0.83 -16.12
N MET A 946 5.89 2.06 -15.83
CA MET A 946 7.01 2.62 -16.58
C MET A 946 8.24 1.74 -16.48
N SER A 947 8.56 1.28 -15.28
CA SER A 947 9.72 0.41 -15.10
C SER A 947 9.57 -0.89 -15.88
N VAL A 948 8.38 -1.49 -15.84
CA VAL A 948 8.16 -2.73 -16.58
C VAL A 948 8.28 -2.50 -18.08
N VAL A 949 7.74 -1.38 -18.57
CA VAL A 949 7.78 -1.08 -20.00
C VAL A 949 9.22 -0.85 -20.45
N THR A 950 9.99 -0.08 -19.68
CA THR A 950 11.37 0.18 -20.04
C THR A 950 12.21 -1.11 -19.97
N ALA A 951 11.92 -1.99 -19.01
CA ALA A 951 12.68 -3.23 -18.90
C ALA A 951 12.44 -4.14 -20.10
N SER A 952 11.30 -4.01 -20.76
CA SER A 952 11.01 -4.85 -21.92
C SER A 952 11.93 -4.49 -23.08
N PRO A 953 12.16 -5.43 -24.00
CA PRO A 953 13.08 -5.16 -25.12
C PRO A 953 12.62 -3.97 -25.93
N PRO A 954 13.54 -3.14 -26.40
CA PRO A 954 13.17 -1.91 -27.12
C PRO A 954 12.45 -2.24 -28.42
N GLY A 955 11.44 -1.45 -28.75
CA GLY A 955 10.68 -1.63 -29.97
C GLY A 955 9.80 -0.44 -30.30
N ASP A 956 8.59 -0.71 -30.79
CA ASP A 956 7.62 0.32 -31.12
C ASP A 956 6.41 0.32 -30.21
N VAL A 957 5.86 -0.86 -29.90
CA VAL A 957 4.74 -0.93 -28.98
C VAL A 957 5.18 -0.50 -27.59
N GLU A 958 6.41 -0.85 -27.20
CA GLU A 958 6.96 -0.38 -25.93
C GLU A 958 7.11 1.13 -25.92
N THR A 959 7.56 1.71 -27.03
CA THR A 959 7.68 3.16 -27.13
C THR A 959 6.33 3.85 -27.01
N ALA A 960 5.30 3.29 -27.66
CA ALA A 960 3.96 3.84 -27.54
C ALA A 960 3.46 3.76 -26.11
N GLY A 961 3.72 2.62 -25.44
CA GLY A 961 3.34 2.51 -24.05
C GLY A 961 4.04 3.52 -23.16
N LYS A 962 5.33 3.76 -23.42
CA LYS A 962 6.07 4.73 -22.63
C LYS A 962 5.51 6.14 -22.80
N GLN A 963 5.20 6.54 -24.04
CA GLN A 963 4.57 7.84 -24.25
C GLN A 963 3.21 7.92 -23.57
N LEU A 964 2.43 6.84 -23.64
CA LEU A 964 1.14 6.84 -22.97
C LEU A 964 1.30 7.01 -21.47
N LEU A 965 2.32 6.36 -20.88
CA LEU A 965 2.52 6.47 -19.44
C LEU A 965 3.00 7.86 -19.02
N GLU A 966 3.87 8.49 -19.80
CA GLU A 966 4.25 9.86 -19.44
C GLU A 966 3.09 10.83 -19.63
N GLN A 967 2.25 10.58 -20.64
CA GLN A 967 1.03 11.38 -20.76
C GLN A 967 0.13 11.19 -19.54
N HIS A 968 0.05 9.96 -19.04
CA HIS A 968 -0.72 9.71 -17.82
C HIS A 968 -0.15 10.45 -16.62
N LEU A 969 1.18 10.47 -16.50
CA LEU A 969 1.81 11.22 -15.40
C LEU A 969 1.49 12.70 -15.48
N SER A 970 1.66 13.29 -16.67
CA SER A 970 1.37 14.72 -16.84
C SER A 970 -0.09 15.02 -16.58
N SER A 971 -0.99 14.15 -17.05
CA SER A 971 -2.42 14.34 -16.81
C SER A 971 -2.74 14.22 -15.32
N LEU A 972 -2.04 13.34 -14.62
CA LEU A 972 -2.23 13.22 -13.17
C LEU A 972 -1.87 14.51 -12.47
N THR A 973 -0.77 15.17 -12.84
CA THR A 973 -0.40 16.39 -12.10
C THR A 973 -1.41 17.47 -12.39
N VAL A 974 -1.86 17.57 -13.64
CA VAL A 974 -2.86 18.59 -14.06
C VAL A 974 -4.20 18.33 -13.36
N THR A 975 -4.64 17.06 -13.28
CA THR A 975 -5.98 16.81 -12.69
C THR A 975 -5.93 17.16 -11.21
N LEU A 976 -4.78 16.94 -10.56
CA LEU A 976 -4.63 17.25 -9.11
C LEU A 976 -4.71 18.78 -8.90
N THR A 977 -4.08 19.55 -9.79
CA THR A 977 -4.15 21.02 -9.68
C THR A 977 -5.58 21.45 -9.91
N ALA A 978 -6.26 20.77 -10.83
CA ALA A 978 -7.69 21.08 -11.11
C ALA A 978 -8.49 20.93 -9.81
N VAL A 979 -8.16 19.92 -9.00
CA VAL A 979 -8.92 19.66 -7.75
C VAL A 979 -8.50 20.70 -6.69
N GLY A 980 -7.23 21.14 -6.74
CA GLY A 980 -6.71 22.09 -5.75
C GLY A 980 -5.63 21.50 -4.87
N LEU A 981 -5.23 20.26 -5.10
CA LEU A 981 -4.28 19.58 -4.24
C LEU A 981 -2.85 20.08 -4.45
N LEU A 982 -2.58 20.69 -5.60
CA LEU A 982 -1.25 21.23 -5.89
C LEU A 982 -1.42 22.68 -6.30
N PRO A 983 -1.54 23.63 -5.35
CA PRO A 983 -1.71 25.04 -5.68
C PRO A 983 -0.38 25.75 -5.89
N VAL A 992 -11.14 36.14 -1.98
CA VAL A 992 -12.29 35.40 -2.51
C VAL A 992 -11.86 33.99 -2.91
N PRO A 993 -12.58 32.99 -2.43
CA PRO A 993 -12.22 31.60 -2.73
C PRO A 993 -12.69 31.18 -4.12
N CYS A 994 -12.24 30.00 -4.51
CA CYS A 994 -12.68 29.35 -5.73
C CYS A 994 -13.52 28.12 -5.37
N ALA A 995 -14.21 27.60 -6.38
CA ALA A 995 -15.09 26.46 -6.15
C ALA A 995 -14.30 25.23 -5.69
N THR A 996 -13.14 25.00 -6.30
CA THR A 996 -12.28 23.90 -5.83
C THR A 996 -11.74 24.17 -4.44
N GLN A 997 -11.50 25.44 -4.10
CA GLN A 997 -11.07 25.80 -2.76
C GLN A 997 -12.17 25.66 -1.71
N LEU A 998 -13.42 25.50 -2.14
CA LEU A 998 -14.52 25.30 -1.20
C LEU A 998 -15.01 23.87 -1.16
N LEU A 999 -14.81 23.12 -2.24
CA LEU A 999 -15.30 21.75 -2.30
C LEU A 999 -14.27 20.74 -1.85
N TRP A 1000 -13.00 20.97 -2.16
CA TRP A 1000 -11.93 20.01 -1.87
C TRP A 1000 -10.71 20.72 -1.29
N ALA A 1001 -10.93 21.60 -0.33
CA ALA A 1001 -9.82 22.23 0.38
C ALA A 1001 -9.28 21.23 1.41
N SER A 1002 -8.08 20.71 1.14
CA SER A 1002 -7.48 19.67 1.96
C SER A 1002 -6.04 20.07 2.29
N PRO A 1003 -5.86 20.96 3.27
CA PRO A 1003 -4.51 21.50 3.52
C PRO A 1003 -3.47 20.46 3.90
N PHE A 1004 -3.85 19.42 4.64
CA PHE A 1004 -2.87 18.40 5.03
C PHE A 1004 -2.39 17.61 3.82
N PHE A 1005 -3.32 17.10 3.02
CA PHE A 1005 -2.95 16.35 1.82
C PHE A 1005 -2.23 17.24 0.81
N SER A 1006 -2.68 18.49 0.68
CA SER A 1006 -2.01 19.42 -0.21
C SER A 1006 -0.58 19.67 0.23
N HIS A 1007 -0.37 19.83 1.54
CA HIS A 1007 0.98 20.01 2.06
C HIS A 1007 1.85 18.79 1.79
N GLU A 1008 1.30 17.61 1.92
CA GLU A 1008 2.07 16.37 1.66
C GLU A 1008 2.47 16.31 0.19
N LEU A 1009 1.52 16.56 -0.71
CA LEU A 1009 1.79 16.46 -2.16
C LEU A 1009 2.71 17.61 -2.60
N LEU A 1010 2.65 18.74 -1.89
CA LEU A 1010 3.47 19.92 -2.27
C LEU A 1010 4.89 19.76 -1.70
N HIS A 1011 5.11 18.75 -0.85
CA HIS A 1011 6.43 18.59 -0.19
C HIS A 1011 6.91 17.13 -0.33
N CYS A 1012 6.10 16.27 -0.95
CA CYS A 1012 6.53 14.86 -1.18
C CYS A 1012 7.70 14.85 -2.18
N GLY A 1013 7.65 15.78 -3.15
CA GLY A 1013 8.71 15.84 -4.17
C GLY A 1013 8.45 14.85 -5.28
N ARG A 1014 7.17 14.65 -5.64
CA ARG A 1014 6.81 13.67 -6.68
C ARG A 1014 5.88 14.33 -7.71
N TYR A 1015 5.77 15.65 -7.68
CA TYR A 1015 4.84 16.37 -8.59
C TYR A 1015 5.40 17.74 -8.93
N MET B 1 22.37 -6.02 -1.83
CA MET B 1 22.59 -7.48 -1.76
C MET B 1 21.77 -8.17 -2.85
N ALA B 2 21.64 -9.49 -2.79
CA ALA B 2 21.01 -10.31 -3.85
C ALA B 2 22.15 -10.45 -4.86
N GLU B 3 23.24 -9.74 -4.58
CA GLU B 3 24.47 -9.86 -5.38
C GLU B 3 25.36 -10.80 -4.60
N TYR B 4 24.91 -11.22 -3.42
CA TYR B 4 25.76 -12.04 -2.52
C TYR B 4 25.06 -13.37 -2.29
N LEU B 5 23.75 -13.35 -2.21
CA LEU B 5 23.03 -14.64 -2.12
C LEU B 5 22.51 -14.89 -3.53
N ILE B 6 23.07 -15.90 -4.19
CA ILE B 6 22.71 -16.17 -5.61
C ILE B 6 21.45 -17.03 -5.58
N ASP B 7 20.99 -17.36 -4.37
CA ASP B 7 19.77 -18.19 -4.24
C ASP B 7 18.63 -17.39 -4.84
N LEU B 8 18.87 -16.10 -5.06
CA LEU B 8 17.83 -15.24 -5.68
C LEU B 8 17.50 -15.81 -7.06
N THR B 9 18.44 -16.55 -7.66
CA THR B 9 18.13 -17.19 -8.96
C THR B 9 16.94 -18.12 -8.75
N PRO B 10 15.90 -18.00 -9.58
CA PRO B 10 14.74 -18.87 -9.50
C PRO B 10 15.09 -20.34 -9.71
N ARG B 11 14.92 -21.17 -8.69
CA ARG B 11 15.14 -22.63 -8.86
C ARG B 11 13.95 -23.41 -8.28
N MET B 12 13.36 -24.29 -9.08
CA MET B 12 12.20 -25.10 -8.65
C MET B 12 12.69 -26.53 -8.40
N ALA B 13 12.62 -27.01 -7.15
CA ALA B 13 13.20 -28.32 -6.79
C ALA B 13 12.47 -29.54 -7.34
N TYR B 14 11.14 -29.61 -7.23
CA TYR B 14 10.45 -30.87 -7.60
C TYR B 14 10.40 -31.10 -9.11
N VAL B 15 9.96 -32.29 -9.53
CA VAL B 15 9.77 -32.59 -10.98
C VAL B 15 8.34 -33.12 -11.12
N ASP B 16 7.74 -33.00 -12.31
CA ASP B 16 6.31 -33.38 -12.44
C ASP B 16 6.15 -34.28 -13.66
N ARG B 17 5.07 -35.09 -13.69
CA ARG B 17 4.88 -36.11 -14.76
C ARG B 17 4.70 -35.47 -16.15
N HIS B 18 4.05 -34.31 -16.27
CA HIS B 18 3.96 -33.69 -17.62
C HIS B 18 5.40 -33.39 -18.03
N GLU B 19 6.24 -32.90 -17.13
CA GLU B 19 7.65 -32.70 -17.53
C GLU B 19 8.28 -34.09 -17.76
N LEU B 20 7.90 -35.07 -16.94
CA LEU B 20 8.39 -36.46 -17.13
C LEU B 20 7.90 -37.02 -18.46
N LEU B 21 6.63 -36.76 -18.81
CA LEU B 21 6.04 -37.31 -20.06
C LEU B 21 6.80 -36.79 -21.27
N ARG B 22 7.17 -35.50 -21.23
CA ARG B 22 8.03 -34.93 -22.30
C ARG B 22 9.32 -35.74 -22.26
N SER B 23 9.71 -36.35 -23.38
CA SER B 23 10.89 -37.26 -23.36
C SER B 23 12.17 -36.45 -23.31
N LEU B 24 12.55 -36.05 -22.12
CA LEU B 24 13.82 -35.32 -21.96
C LEU B 24 14.55 -35.89 -20.73
N LEU B 25 15.86 -35.75 -20.69
CA LEU B 25 16.62 -36.18 -19.49
C LEU B 25 16.33 -35.21 -18.34
N THR B 26 16.34 -35.71 -17.10
CA THR B 26 16.14 -34.83 -15.94
C THR B 26 17.39 -33.98 -15.78
N GLU B 27 18.34 -34.14 -16.69
CA GLU B 27 19.53 -33.27 -16.63
C GLU B 27 19.80 -32.69 -18.02
N LYS B 28 19.92 -31.37 -18.14
CA LYS B 28 20.32 -30.75 -19.42
C LYS B 28 19.11 -30.77 -20.34
N GLU B 29 18.01 -31.31 -19.85
CA GLU B 29 16.77 -31.29 -20.66
C GLU B 29 15.65 -30.69 -19.82
N PHE B 30 14.92 -31.49 -19.03
CA PHE B 30 13.83 -30.84 -18.28
C PHE B 30 14.41 -29.83 -17.30
N ILE B 31 15.46 -30.20 -16.58
CA ILE B 31 15.96 -29.26 -15.53
C ILE B 31 16.64 -28.08 -16.23
N GLU B 32 17.52 -28.31 -17.20
CA GLU B 32 18.15 -27.19 -17.95
C GLU B 32 17.12 -26.39 -18.77
N ARG B 33 16.14 -27.05 -19.39
CA ARG B 33 15.21 -26.26 -20.25
C ARG B 33 14.37 -25.35 -19.35
N ARG B 34 13.93 -25.88 -18.20
CA ARG B 34 13.11 -25.06 -17.28
C ARG B 34 13.92 -23.86 -16.81
N GLN B 35 15.23 -23.99 -16.64
CA GLN B 35 15.93 -22.82 -16.05
C GLN B 35 15.74 -21.62 -16.97
N GLU B 36 15.84 -21.76 -18.28
CA GLU B 36 15.67 -20.53 -19.10
C GLU B 36 14.26 -19.97 -18.88
N GLN B 37 13.26 -20.85 -18.78
CA GLN B 37 11.85 -20.42 -18.52
C GLN B 37 11.70 -19.76 -17.14
N LEU B 38 12.23 -20.40 -16.08
CA LEU B 38 12.17 -19.90 -14.68
C LEU B 38 12.98 -18.62 -14.53
N ASN B 39 14.03 -18.48 -15.31
CA ASN B 39 14.95 -17.34 -15.13
C ASN B 39 14.21 -16.11 -15.66
N LYS B 40 13.14 -16.35 -16.42
CA LYS B 40 12.32 -15.19 -16.86
C LYS B 40 10.91 -15.27 -16.25
N SER B 41 10.65 -16.22 -15.33
CA SER B 41 9.27 -16.40 -14.80
C SER B 41 8.85 -15.26 -13.89
N THR B 42 7.56 -14.93 -13.90
CA THR B 42 6.97 -13.87 -13.03
C THR B 42 5.93 -14.58 -12.18
N THR B 43 6.01 -15.90 -12.09
CA THR B 43 4.95 -16.67 -11.41
C THR B 43 5.47 -17.40 -10.18
N VAL B 44 4.59 -17.56 -9.19
CA VAL B 44 4.97 -18.17 -7.89
C VAL B 44 3.87 -19.12 -7.47
N TYR B 45 4.22 -20.23 -6.83
CA TYR B 45 3.22 -21.18 -6.27
C TYR B 45 3.08 -20.75 -4.82
N VAL B 46 1.88 -20.67 -4.25
CA VAL B 46 1.82 -20.11 -2.88
C VAL B 46 1.83 -21.26 -1.88
N GLY B 47 0.88 -22.17 -1.92
CA GLY B 47 1.01 -23.34 -1.04
C GLY B 47 0.56 -23.20 0.39
N ASN B 48 -0.16 -24.19 0.90
CA ASN B 48 -0.62 -24.25 2.32
C ASN B 48 -1.71 -23.22 2.60
N LEU B 49 -2.17 -22.50 1.57
CA LEU B 49 -3.28 -21.57 1.81
C LEU B 49 -4.43 -22.44 2.34
N SER B 50 -5.32 -21.87 3.14
CA SER B 50 -6.48 -22.61 3.68
C SER B 50 -7.49 -22.88 2.57
N PHE B 51 -8.48 -23.70 2.82
CA PHE B 51 -9.48 -23.89 1.79
C PHE B 51 -10.44 -22.71 1.74
N TYR B 52 -10.59 -21.99 2.84
CA TYR B 52 -11.51 -20.87 2.94
C TYR B 52 -10.85 -19.53 2.68
N THR B 53 -9.57 -19.51 2.38
CA THR B 53 -8.90 -18.26 2.05
C THR B 53 -9.42 -17.74 0.72
N THR B 54 -9.81 -16.47 0.71
CA THR B 54 -10.39 -15.88 -0.49
C THR B 54 -9.32 -15.23 -1.34
N GLU B 55 -9.67 -14.95 -2.59
CA GLU B 55 -8.70 -14.32 -3.50
C GLU B 55 -8.33 -12.94 -2.99
N ASP B 56 -9.25 -12.28 -2.29
CA ASP B 56 -9.00 -10.93 -1.76
C ASP B 56 -7.89 -11.00 -0.70
N GLN B 57 -7.90 -12.05 0.10
CA GLN B 57 -6.85 -12.23 1.14
C GLN B 57 -5.49 -12.46 0.45
N ILE B 58 -5.43 -13.34 -0.56
CA ILE B 58 -4.16 -13.61 -1.31
C ILE B 58 -3.74 -12.34 -2.06
N TRP B 59 -4.68 -11.65 -2.68
CA TRP B 59 -4.34 -10.40 -3.40
C TRP B 59 -3.84 -9.38 -2.41
N GLU B 60 -4.49 -9.21 -1.29
CA GLU B 60 -4.12 -8.14 -0.36
C GLU B 60 -2.68 -8.34 0.12
N HIS B 61 -2.28 -9.60 0.30
CA HIS B 61 -0.93 -9.92 0.81
C HIS B 61 0.11 -9.78 -0.30
N PHE B 62 -0.17 -10.30 -1.49
CA PHE B 62 0.84 -10.32 -2.58
C PHE B 62 0.87 -9.05 -3.39
N SER B 63 -0.02 -8.12 -3.15
CA SER B 63 -0.08 -6.89 -3.97
C SER B 63 0.95 -5.91 -3.44
N ARG B 64 1.40 -6.11 -2.21
CA ARG B 64 2.45 -5.28 -1.62
C ARG B 64 3.82 -5.58 -2.19
N CYS B 65 3.95 -6.66 -2.97
CA CYS B 65 5.19 -6.96 -3.66
C CYS B 65 5.23 -6.36 -5.05
N GLY B 66 4.11 -6.35 -5.74
CA GLY B 66 4.03 -5.79 -7.08
C GLY B 66 2.67 -6.07 -7.66
N HIS B 67 2.42 -5.44 -8.81
CA HIS B 67 1.13 -5.62 -9.47
C HIS B 67 0.95 -7.07 -9.88
N ILE B 68 -0.22 -7.62 -9.60
CA ILE B 68 -0.53 -9.02 -9.96
C ILE B 68 -1.24 -9.06 -11.32
N ARG B 69 -0.53 -9.50 -12.33
CA ARG B 69 -1.10 -9.64 -13.67
C ARG B 69 -2.24 -10.65 -13.68
N ASP B 70 -2.07 -11.76 -12.97
CA ASP B 70 -3.04 -12.83 -12.98
C ASP B 70 -2.90 -13.61 -11.68
N LEU B 71 -4.06 -13.96 -11.08
CA LEU B 71 -4.09 -14.74 -9.82
C LEU B 71 -5.00 -15.93 -10.06
N VAL B 72 -4.41 -17.11 -10.06
CA VAL B 72 -5.15 -18.35 -10.40
C VAL B 72 -5.23 -19.20 -9.13
N MET B 73 -6.44 -19.62 -8.79
CA MET B 73 -6.64 -20.38 -7.55
C MET B 73 -6.70 -21.86 -7.90
N GLY B 74 -6.03 -22.65 -7.11
CA GLY B 74 -6.14 -24.09 -7.32
C GLY B 74 -7.54 -24.49 -7.10
N LEU B 75 -7.99 -25.49 -7.83
CA LEU B 75 -9.41 -25.86 -7.72
C LEU B 75 -9.54 -27.37 -7.80
N SER B 76 -10.12 -28.00 -6.79
CA SER B 76 -10.41 -29.42 -6.92
C SER B 76 -11.29 -29.64 -8.14
N GLU B 77 -10.97 -30.62 -8.95
CA GLU B 77 -11.73 -30.79 -10.21
C GLU B 77 -13.16 -31.22 -9.92
N VAL B 78 -13.39 -32.04 -8.90
CA VAL B 78 -14.73 -32.57 -8.69
C VAL B 78 -15.68 -31.49 -8.22
N THR B 79 -15.24 -30.61 -7.31
CA THR B 79 -16.12 -29.61 -6.73
C THR B 79 -15.80 -28.19 -7.15
N ARG B 80 -14.69 -27.94 -7.85
CA ARG B 80 -14.29 -26.57 -8.33
C ARG B 80 -14.15 -25.60 -7.17
N THR B 81 -13.79 -26.10 -6.00
CA THR B 81 -13.52 -25.28 -4.83
C THR B 81 -12.03 -25.22 -4.59
N PRO B 82 -11.53 -24.17 -3.93
CA PRO B 82 -10.09 -24.08 -3.70
C PRO B 82 -9.58 -25.29 -2.94
N CYS B 83 -8.45 -25.84 -3.41
CA CYS B 83 -7.95 -27.12 -2.87
C CYS B 83 -6.69 -26.96 -2.02
N GLY B 84 -6.24 -25.74 -1.76
CA GLY B 84 -5.16 -25.56 -0.83
C GLY B 84 -4.05 -24.64 -1.27
N PHE B 85 -3.88 -24.48 -2.58
CA PHE B 85 -2.74 -23.69 -3.15
C PHE B 85 -3.20 -22.61 -4.07
N CYS B 86 -2.27 -22.05 -4.84
CA CYS B 86 -2.60 -20.93 -5.73
C CYS B 86 -1.43 -20.64 -6.66
N PHE B 87 -1.60 -19.74 -7.63
CA PHE B 87 -0.54 -19.32 -8.55
C PHE B 87 -0.74 -17.82 -8.78
N VAL B 88 0.23 -17.03 -8.40
CA VAL B 88 0.23 -15.58 -8.46
C VAL B 88 1.22 -15.17 -9.55
N VAL B 89 0.67 -14.80 -10.71
CA VAL B 89 1.48 -14.26 -11.80
C VAL B 89 1.54 -12.75 -11.64
N PHE B 90 2.76 -12.23 -11.49
CA PHE B 90 2.97 -10.82 -11.32
C PHE B 90 3.13 -10.13 -12.66
N GLU B 91 3.36 -8.82 -12.62
CA GLU B 91 3.62 -8.08 -13.85
C GLU B 91 5.10 -8.12 -14.19
N SER B 92 5.97 -7.99 -13.19
CA SER B 92 7.41 -7.98 -13.36
C SER B 92 8.03 -9.06 -12.49
N GLN B 93 9.29 -9.39 -12.76
CA GLN B 93 9.98 -10.43 -11.94
C GLN B 93 10.42 -9.78 -10.63
N ASP B 94 10.43 -8.45 -10.54
CA ASP B 94 10.70 -7.85 -9.24
C ASP B 94 9.66 -8.23 -8.21
N GLY B 95 8.39 -8.26 -8.61
CA GLY B 95 7.35 -8.68 -7.69
C GLY B 95 7.46 -10.13 -7.29
N ALA B 96 7.73 -11.00 -8.26
CA ALA B 96 7.89 -12.42 -7.96
C ALA B 96 9.11 -12.66 -7.07
N MET B 97 10.17 -11.88 -7.28
CA MET B 97 11.33 -11.96 -6.40
C MET B 97 10.98 -11.52 -4.99
N SER B 98 10.21 -10.44 -4.86
CA SER B 98 9.79 -9.97 -3.55
C SER B 98 8.86 -10.98 -2.87
N ALA B 99 7.95 -11.57 -3.64
CA ALA B 99 7.01 -12.52 -3.06
C ALA B 99 7.73 -13.75 -2.51
N VAL B 100 8.70 -14.27 -3.26
CA VAL B 100 9.43 -15.46 -2.80
C VAL B 100 10.30 -15.13 -1.61
N ILE B 101 10.90 -13.95 -1.60
CA ILE B 101 11.77 -13.56 -0.49
C ILE B 101 10.96 -13.14 0.72
N ASP B 102 10.12 -12.11 0.56
CA ASP B 102 9.44 -11.53 1.71
C ASP B 102 8.30 -12.41 2.21
N LEU B 103 7.50 -12.96 1.31
CA LEU B 103 6.24 -13.57 1.70
C LEU B 103 6.33 -15.07 1.96
N HIS B 104 7.50 -15.68 1.76
CA HIS B 104 7.63 -17.10 2.07
C HIS B 104 7.67 -17.31 3.57
N GLY B 105 6.93 -18.29 4.04
CA GLY B 105 6.85 -18.54 5.47
C GLY B 105 6.23 -17.39 6.24
N THR B 106 5.25 -16.72 5.64
CA THR B 106 4.62 -15.54 6.21
C THR B 106 3.15 -15.83 6.42
N LEU B 107 2.63 -15.41 7.57
CA LEU B 107 1.26 -15.72 7.97
C LEU B 107 0.29 -14.96 7.07
N LEU B 108 -0.53 -15.69 6.31
CA LEU B 108 -1.52 -15.06 5.44
C LEU B 108 -2.93 -15.12 6.04
N ASP B 109 -3.42 -16.31 6.31
CA ASP B 109 -4.78 -16.52 6.82
C ASP B 109 -4.76 -17.47 7.99
N ASP B 110 -3.89 -17.18 8.96
CA ASP B 110 -3.58 -18.09 10.05
C ASP B 110 -2.98 -19.40 9.52
N ARG B 111 -2.29 -19.31 8.39
CA ARG B 111 -1.58 -20.42 7.79
C ARG B 111 -0.25 -19.91 7.25
N VAL B 112 0.83 -20.60 7.58
CA VAL B 112 2.15 -20.22 7.08
C VAL B 112 2.29 -20.74 5.66
N ILE B 113 2.56 -19.84 4.73
CA ILE B 113 2.53 -20.16 3.31
C ILE B 113 3.93 -20.48 2.82
N THR B 114 4.01 -21.09 1.64
CA THR B 114 5.26 -21.66 1.13
C THR B 114 5.62 -21.12 -0.24
N VAL B 115 5.57 -19.79 -0.39
CA VAL B 115 5.84 -19.12 -1.66
C VAL B 115 7.14 -19.59 -2.28
N SER B 116 7.03 -20.08 -3.52
CA SER B 116 8.16 -20.65 -4.28
C SER B 116 8.16 -20.07 -5.70
N TRP B 117 9.02 -20.54 -6.59
CA TRP B 117 9.15 -20.02 -7.98
C TRP B 117 8.58 -21.06 -8.93
N ASP B 118 7.66 -20.69 -9.82
CA ASP B 118 7.13 -21.63 -10.84
C ASP B 118 7.45 -21.10 -12.24
N VAL B 119 7.28 -21.92 -13.27
CA VAL B 119 7.62 -21.53 -14.66
C VAL B 119 6.50 -20.67 -15.24
N GLY B 120 5.25 -21.05 -14.96
CA GLY B 120 4.09 -20.37 -15.54
C GLY B 120 2.88 -21.25 -15.38
N CYS B 121 1.69 -20.66 -15.30
CA CYS B 121 0.48 -21.47 -15.04
C CYS B 121 -0.25 -21.78 -16.36
N ASP B 122 -1.17 -22.72 -16.32
CA ASP B 122 -1.96 -23.12 -17.49
C ASP B 122 -3.23 -23.70 -16.90
N HIS B 123 -4.31 -23.75 -17.65
CA HIS B 123 -5.57 -24.18 -17.03
C HIS B 123 -5.31 -25.53 -16.37
N THR B 124 -4.50 -26.38 -17.02
CA THR B 124 -4.25 -27.73 -16.51
C THR B 124 -3.63 -27.66 -15.14
N ARG B 125 -2.64 -26.78 -14.94
CA ARG B 125 -1.93 -26.68 -13.64
C ARG B 125 -2.85 -26.17 -12.54
N ARG B 126 -3.84 -25.34 -12.88
CA ARG B 126 -4.74 -24.72 -11.88
C ARG B 126 -5.50 -25.78 -11.08
N TRP B 127 -5.48 -27.02 -11.53
CA TRP B 127 -6.30 -28.04 -10.84
C TRP B 127 -5.44 -28.90 -9.94
N GLY B 128 -6.06 -29.76 -9.15
CA GLY B 128 -5.33 -30.66 -8.26
C GLY B 128 -6.30 -31.48 -7.41
N LEU B 170 -16.89 -21.80 1.46
CA LEU B 170 -16.25 -22.35 0.27
C LEU B 170 -16.71 -21.64 -0.98
N VAL B 171 -15.79 -20.92 -1.63
CA VAL B 171 -16.12 -20.19 -2.85
C VAL B 171 -16.17 -21.19 -4.00
N HIS B 172 -17.37 -21.43 -4.52
CA HIS B 172 -17.56 -22.34 -5.65
C HIS B 172 -17.33 -21.56 -6.93
N TYR B 173 -16.20 -21.80 -7.59
CA TYR B 173 -15.87 -21.14 -8.85
C TYR B 173 -16.70 -21.75 -9.97
N THR B 174 -18.02 -21.52 -9.89
CA THR B 174 -18.92 -22.02 -10.92
C THR B 174 -18.72 -21.32 -12.26
N TRP B 175 -17.95 -20.23 -12.30
CA TRP B 175 -17.67 -19.51 -13.51
C TRP B 175 -16.47 -20.05 -14.29
N ILE B 176 -15.69 -20.95 -13.66
CA ILE B 176 -14.52 -21.56 -14.36
C ILE B 176 -15.00 -22.85 -15.05
N PRO B 177 -14.83 -23.00 -16.38
CA PRO B 177 -15.31 -24.19 -17.10
C PRO B 177 -14.57 -25.43 -16.62
N PRO B 178 -15.28 -26.46 -16.20
CA PRO B 178 -14.61 -27.67 -15.72
C PRO B 178 -13.78 -28.31 -16.83
N ARG B 179 -12.63 -28.85 -16.44
CA ARG B 179 -11.70 -29.43 -17.40
C ARG B 179 -10.73 -30.38 -16.71
N ARG C 33 -17.23 -26.92 13.18
CA ARG C 33 -16.45 -26.82 11.95
C ARG C 33 -16.30 -25.36 11.53
N ARG C 34 -16.43 -24.46 12.51
CA ARG C 34 -16.33 -23.03 12.26
C ARG C 34 -14.90 -22.67 11.87
N ARG C 35 -14.78 -21.59 11.09
CA ARG C 35 -13.49 -21.20 10.53
C ARG C 35 -12.45 -20.90 11.61
N GLU C 36 -12.89 -20.47 12.81
CA GLU C 36 -11.94 -20.24 13.89
C GLU C 36 -11.49 -21.55 14.52
N GLU C 37 -12.36 -22.55 14.54
CA GLU C 37 -11.99 -23.84 15.10
C GLU C 37 -10.85 -24.50 14.33
N CYS C 38 -10.67 -24.13 13.06
CA CYS C 38 -9.61 -24.70 12.24
C CYS C 38 -8.38 -23.79 12.15
N VAL C 39 -8.24 -22.88 13.12
CA VAL C 39 -7.11 -21.95 13.15
C VAL C 39 -6.13 -22.40 14.22
N VAL C 40 -4.91 -22.68 13.82
CA VAL C 40 -3.82 -23.04 14.72
C VAL C 40 -2.67 -22.08 14.42
N LEU C 41 -2.27 -21.31 15.41
CA LEU C 41 -1.37 -20.19 15.19
C LEU C 41 0.08 -20.70 15.27
N PRO C 42 1.02 -20.01 14.63
CA PRO C 42 2.40 -20.53 14.56
C PRO C 42 3.08 -20.54 15.91
N PRO C 43 4.09 -21.42 16.09
CA PRO C 43 4.79 -21.48 17.38
C PRO C 43 5.54 -20.22 17.75
N ILE C 44 5.80 -19.31 16.81
CA ILE C 44 6.41 -18.04 17.15
C ILE C 44 5.47 -17.21 18.02
N MET C 45 4.18 -17.51 17.99
CA MET C 45 3.19 -16.63 18.59
C MET C 45 3.29 -16.59 20.10
N THR C 46 3.79 -17.67 20.72
CA THR C 46 3.96 -17.64 22.17
C THR C 46 4.93 -16.56 22.60
N VAL C 47 5.86 -16.19 21.72
CA VAL C 47 6.73 -15.06 21.99
C VAL C 47 5.93 -13.75 21.95
N TRP C 48 4.99 -13.68 21.03
CA TRP C 48 4.26 -12.39 20.87
C TRP C 48 3.22 -12.24 21.96
N ARG C 49 2.55 -13.33 22.34
CA ARG C 49 1.65 -13.25 23.48
C ARG C 49 2.39 -12.86 24.75
N SER C 50 3.57 -13.44 24.96
CA SER C 50 4.38 -13.06 26.10
C SER C 50 4.81 -11.60 26.02
N ALA C 51 5.12 -11.13 24.82
CA ALA C 51 5.50 -9.72 24.65
C ALA C 51 4.34 -8.80 24.95
N PHE C 52 3.14 -9.16 24.51
CA PHE C 52 1.95 -8.37 24.85
C PHE C 52 1.74 -8.34 26.36
N SER C 53 1.88 -9.49 27.01
CA SER C 53 1.71 -9.57 28.46
C SER C 53 2.75 -8.70 29.16
N GLN C 54 4.01 -8.75 28.72
CA GLN C 54 5.05 -7.94 29.34
C GLN C 54 4.81 -6.46 29.09
N TYR C 55 4.36 -6.09 27.90
CA TYR C 55 4.09 -4.69 27.62
C TYR C 55 2.96 -4.15 28.49
N THR C 56 1.92 -4.96 28.69
CA THR C 56 0.82 -4.51 29.55
C THR C 56 1.21 -4.51 31.02
N LYS C 57 2.06 -5.47 31.43
CA LYS C 57 2.43 -5.58 32.83
C LYS C 57 3.18 -4.33 33.31
N MET C 58 4.09 -3.82 32.50
CA MET C 58 4.71 -2.54 32.79
C MET C 58 4.00 -1.44 32.02
N TRP C 59 4.41 -0.21 32.29
CA TRP C 59 3.78 1.00 31.75
C TRP C 59 2.33 1.17 32.20
N GLY C 60 1.86 0.30 33.10
CA GLY C 60 0.55 0.47 33.70
C GLY C 60 -0.64 0.39 32.77
N LEU C 61 -0.68 -0.61 31.90
CA LEU C 61 -1.80 -0.82 31.00
C LEU C 61 -2.83 -1.71 31.68
N THR C 62 -4.07 -1.25 31.75
CA THR C 62 -5.16 -2.02 32.33
C THR C 62 -6.28 -2.17 31.33
N LYS C 63 -6.83 -3.37 31.24
CA LYS C 63 -7.95 -3.62 30.36
C LYS C 63 -9.19 -2.86 30.83
N PHE C 64 -10.19 -2.80 29.97
CA PHE C 64 -11.44 -2.15 30.33
C PHE C 64 -12.15 -2.92 31.44
N ALA C 65 -12.91 -2.18 32.26
CA ALA C 65 -13.59 -2.80 33.39
C ALA C 65 -14.56 -3.87 32.92
N GLY C 66 -15.31 -3.60 31.84
CA GLY C 66 -16.17 -4.63 31.29
C GLY C 66 -15.39 -5.79 30.71
N ASP C 67 -14.26 -5.50 30.07
CA ASP C 67 -13.42 -6.57 29.54
C ASP C 67 -12.86 -7.43 30.66
N ILE C 68 -12.43 -6.80 31.76
CA ILE C 68 -12.02 -7.56 32.94
C ILE C 68 -13.21 -8.31 33.51
N GLU C 69 -14.39 -7.70 33.48
CA GLU C 69 -15.59 -8.33 34.00
C GLU C 69 -15.97 -9.58 33.23
N ALA C 70 -15.39 -9.80 32.05
CA ALA C 70 -15.63 -11.00 31.26
C ALA C 70 -14.88 -12.19 31.87
N GLU C 71 -15.23 -12.48 33.14
CA GLU C 71 -14.77 -13.66 33.84
C GLU C 71 -15.72 -14.84 33.68
N ARG C 72 -16.88 -14.63 33.05
CA ARG C 72 -17.83 -15.69 32.76
C ARG C 72 -17.62 -16.29 31.38
N GLU C 73 -16.37 -16.36 30.91
CA GLU C 73 -16.01 -16.84 29.57
C GLU C 73 -16.56 -15.95 28.48
N GLY C 74 -16.71 -14.66 28.75
CA GLY C 74 -17.12 -13.71 27.74
C GLY C 74 -16.00 -12.93 27.10
N GLU C 75 -14.76 -13.20 27.50
CA GLU C 75 -13.62 -12.47 26.98
C GLU C 75 -13.23 -13.01 25.60
N GLY C 76 -12.19 -12.43 25.03
CA GLY C 76 -11.75 -12.81 23.71
C GLY C 76 -11.11 -14.19 23.67
N PRO C 77 -11.73 -15.13 22.96
CA PRO C 77 -11.08 -16.43 22.75
C PRO C 77 -9.78 -16.26 21.97
N ILE C 78 -8.79 -17.08 22.33
CA ILE C 78 -7.45 -16.96 21.80
C ILE C 78 -7.11 -18.26 21.09
N LEU C 79 -6.60 -18.14 19.86
CA LEU C 79 -6.35 -19.31 19.04
C LEU C 79 -5.18 -20.12 19.61
N PRO C 80 -5.22 -21.44 19.50
CA PRO C 80 -4.16 -22.27 20.07
C PRO C 80 -2.93 -22.28 19.19
N PRO C 81 -1.76 -21.95 19.74
CA PRO C 81 -0.51 -22.11 19.01
C PRO C 81 0.10 -23.49 19.23
N ILE C 82 0.87 -23.93 18.24
CA ILE C 82 1.58 -25.20 18.35
C ILE C 82 3.07 -24.95 18.59
#